data_7DKM
#
_entry.id   7DKM
#
_cell.length_a   43.180
_cell.length_b   126.470
_cell.length_c   59.287
_cell.angle_alpha   90.000
_cell.angle_beta   99.720
_cell.angle_gamma   90.000
#
_symmetry.space_group_name_H-M   'P 1 21 1'
#
loop_
_entity.id
_entity.type
_entity.pdbx_description
1 polymer 'D-3-phosphoglycerate dehydrogenase'
2 non-polymer (1beta,6beta,7beta,8alpha,9beta,10alpha,13alpha,14R,16beta)-1,6,7,14-tetrahydroxy-7,20-epoxykauran-15-one
3 non-polymer NICOTINAMIDE-ADENINE-DINUCLEOTIDE
4 non-polymer 'CHLORIDE ION'
5 non-polymer 'SODIUM ION'
6 non-polymer 'PENTAETHYLENE GLYCOL'
7 water water
#
_entity_poly.entity_id   1
_entity_poly.type   'polypeptide(L)'
_entity_poly.pdbx_seq_one_letter_code
;MANLRKVLISDSLDPCCRKILQDGGLQVVEKQNLSKEELIAELQDCEGLIVRSATKVTADVINAAEKLQVVGRAGTGVDN
VDLEAATRKGILVMNTPNGNSLSAAELTCGMIMCLARQIPQATASMKDGKWERKKFMGTELNGKTLGILGLGRIGREVAT
RMQSFGMKTIGYDPIISPEVSASFGVQQLPLEEIWPLCDFITVHTPLLPSTTGLLNDNTFAQCKKGVRVVNCARGGIVDE
GALLRALQSGQCAGAALDVFTEEPPRDRALVDHENVISCPHLGASTKEAQSRCGEEIAVQFVDMVKLEHHHHHH
;
_entity_poly.pdbx_strand_id   A,B
#
loop_
_chem_comp.id
_chem_comp.type
_chem_comp.name
_chem_comp.formula
1PE non-polymer 'PENTAETHYLENE GLYCOL' 'C10 H22 O6'
CL non-polymer 'CHLORIDE ION' 'Cl -1'
NA non-polymer 'SODIUM ION' 'Na 1'
NAD non-polymer NICOTINAMIDE-ADENINE-DINUCLEOTIDE 'C21 H27 N7 O14 P2'
ODN non-polymer (1beta,6beta,7beta,8alpha,9beta,10alpha,13alpha,14R,16beta)-1,6,7,14-tetrahydroxy-7,20-epoxykauran-15-one 'C20 H30 O6'
#
# COMPACT_ATOMS: atom_id res chain seq x y z
N ASN A 3 -19.97 8.65 -39.29
CA ASN A 3 -21.46 8.50 -39.38
C ASN A 3 -21.86 7.17 -38.73
N LEU A 4 -21.69 7.09 -37.42
CA LEU A 4 -21.92 5.87 -36.60
C LEU A 4 -23.42 5.56 -36.58
N ARG A 5 -23.80 4.35 -37.00
CA ARG A 5 -25.20 3.86 -36.95
C ARG A 5 -25.22 2.58 -36.12
N LYS A 6 -24.31 1.63 -36.40
CA LYS A 6 -24.25 0.31 -35.73
C LYS A 6 -22.85 0.14 -35.12
N VAL A 7 -22.79 -0.39 -33.89
CA VAL A 7 -21.53 -0.58 -33.11
C VAL A 7 -21.45 -2.02 -32.64
N LEU A 8 -20.31 -2.70 -32.89
CA LEU A 8 -20.01 -4.05 -32.36
C LEU A 8 -19.21 -3.90 -31.06
N ILE A 9 -19.56 -4.69 -30.04
CA ILE A 9 -18.78 -4.84 -28.77
C ILE A 9 -18.21 -6.26 -28.75
N SER A 10 -16.89 -6.39 -28.99
CA SER A 10 -16.19 -7.67 -29.26
C SER A 10 -15.56 -8.24 -27.97
N ASP A 11 -15.67 -7.51 -26.84
CA ASP A 11 -15.15 -7.93 -25.51
C ASP A 11 -16.24 -7.73 -24.45
N SER A 12 -16.04 -8.27 -23.25
CA SER A 12 -17.01 -8.23 -22.13
C SER A 12 -16.98 -6.85 -21.46
N LEU A 13 -18.07 -6.08 -21.60
CA LEU A 13 -18.23 -4.72 -21.01
C LEU A 13 -19.48 -4.70 -20.12
N ASP A 14 -19.52 -3.76 -19.17
CA ASP A 14 -20.71 -3.44 -18.33
C ASP A 14 -21.90 -3.19 -19.25
N PRO A 15 -23.11 -3.68 -18.93
CA PRO A 15 -24.31 -3.37 -19.70
C PRO A 15 -24.54 -1.86 -19.98
N CYS A 16 -23.96 -0.98 -19.17
CA CYS A 16 -24.13 0.50 -19.26
C CYS A 16 -23.54 1.04 -20.57
N CYS A 17 -22.54 0.37 -21.15
CA CYS A 17 -21.91 0.74 -22.45
C CYS A 17 -23.00 0.69 -23.54
N ARG A 18 -23.65 -0.47 -23.68
CA ARG A 18 -24.74 -0.70 -24.66
C ARG A 18 -25.88 0.31 -24.41
N LYS A 19 -26.24 0.54 -23.16
CA LYS A 19 -27.39 1.41 -22.77
C LYS A 19 -27.16 2.84 -23.25
N ILE A 20 -25.97 3.42 -22.98
CA ILE A 20 -25.60 4.82 -23.37
C ILE A 20 -25.65 4.95 -24.90
N LEU A 21 -25.08 3.97 -25.60
CA LEU A 21 -25.06 3.91 -27.09
C LEU A 21 -26.50 3.92 -27.63
N GLN A 22 -27.36 3.08 -27.06
CA GLN A 22 -28.78 2.92 -27.50
C GLN A 22 -29.60 4.15 -27.09
N ASP A 23 -29.24 4.81 -25.98
CA ASP A 23 -29.82 6.11 -25.55
C ASP A 23 -29.45 7.20 -26.55
N GLY A 24 -28.28 7.06 -27.21
CA GLY A 24 -27.76 8.01 -28.21
C GLY A 24 -28.23 7.70 -29.62
N GLY A 25 -29.07 6.67 -29.79
CA GLY A 25 -29.74 6.34 -31.07
C GLY A 25 -28.95 5.37 -31.92
N LEU A 26 -27.95 4.69 -31.34
CA LEU A 26 -27.07 3.72 -32.05
C LEU A 26 -27.60 2.30 -31.83
N GLN A 27 -27.41 1.44 -32.83
CA GLN A 27 -27.67 -0.02 -32.79
C GLN A 27 -26.41 -0.71 -32.28
N VAL A 28 -26.55 -1.70 -31.39
CA VAL A 28 -25.42 -2.39 -30.72
C VAL A 28 -25.55 -3.90 -30.91
N VAL A 29 -24.44 -4.55 -31.29
CA VAL A 29 -24.25 -6.03 -31.25
C VAL A 29 -23.15 -6.31 -30.21
N GLU A 30 -23.24 -7.44 -29.49
CA GLU A 30 -22.37 -7.77 -28.33
C GLU A 30 -21.99 -9.26 -28.42
N LYS A 31 -20.74 -9.54 -28.83
CA LYS A 31 -20.21 -10.92 -29.04
C LYS A 31 -18.75 -10.97 -28.58
N GLN A 32 -18.37 -11.98 -27.79
CA GLN A 32 -17.03 -12.09 -27.16
C GLN A 32 -16.30 -13.33 -27.68
N ASN A 33 -14.97 -13.35 -27.56
CA ASN A 33 -14.07 -14.49 -27.93
C ASN A 33 -14.30 -14.88 -29.40
N LEU A 34 -14.46 -13.88 -30.28
CA LEU A 34 -14.65 -14.09 -31.75
C LEU A 34 -13.28 -14.34 -32.39
N SER A 35 -13.22 -15.24 -33.37
CA SER A 35 -12.03 -15.49 -34.24
C SER A 35 -11.81 -14.29 -35.16
N LYS A 36 -10.59 -14.11 -35.67
CA LYS A 36 -10.23 -12.94 -36.53
C LYS A 36 -11.15 -12.94 -37.77
N GLU A 37 -11.41 -14.10 -38.36
CA GLU A 37 -12.39 -14.27 -39.47
C GLU A 37 -13.79 -13.90 -38.96
N GLU A 38 -14.18 -14.44 -37.79
CA GLU A 38 -15.50 -14.19 -37.14
C GLU A 38 -15.69 -12.70 -36.89
N LEU A 39 -14.65 -12.02 -36.36
CA LEU A 39 -14.67 -10.57 -36.06
C LEU A 39 -14.94 -9.78 -37.34
N ILE A 40 -14.24 -10.13 -38.43
CA ILE A 40 -14.37 -9.47 -39.77
C ILE A 40 -15.81 -9.63 -40.27
N ALA A 41 -16.40 -10.81 -40.06
CA ALA A 41 -17.78 -11.16 -40.51
C ALA A 41 -18.80 -10.24 -39.81
N GLU A 42 -18.68 -10.04 -38.50
CA GLU A 42 -19.69 -9.28 -37.70
C GLU A 42 -19.51 -7.76 -37.87
N LEU A 43 -18.37 -7.31 -38.42
CA LEU A 43 -18.02 -5.87 -38.58
C LEU A 43 -18.58 -5.31 -39.90
N GLN A 44 -19.08 -6.15 -40.81
CA GLN A 44 -19.48 -5.72 -42.19
C GLN A 44 -20.63 -4.72 -42.11
N ASP A 45 -21.50 -4.82 -41.09
CA ASP A 45 -22.66 -3.91 -40.87
C ASP A 45 -22.26 -2.70 -40.02
N CYS A 46 -21.08 -2.72 -39.40
CA CYS A 46 -20.70 -1.82 -38.27
C CYS A 46 -19.71 -0.74 -38.72
N GLU A 47 -19.97 0.51 -38.33
CA GLU A 47 -19.04 1.67 -38.46
C GLU A 47 -18.21 1.78 -37.18
N GLY A 48 -18.72 1.27 -36.06
CA GLY A 48 -18.09 1.34 -34.73
C GLY A 48 -17.71 -0.03 -34.20
N LEU A 49 -16.53 -0.14 -33.61
CA LEU A 49 -16.07 -1.32 -32.84
C LEU A 49 -15.59 -0.84 -31.47
N ILE A 50 -16.06 -1.47 -30.40
CA ILE A 50 -15.58 -1.23 -29.01
C ILE A 50 -14.93 -2.52 -28.49
N VAL A 51 -13.69 -2.38 -28.01
CA VAL A 51 -12.84 -3.51 -27.51
C VAL A 51 -12.37 -3.20 -26.08
N ARG A 52 -11.86 -4.23 -25.40
CA ARG A 52 -11.01 -4.11 -24.19
C ARG A 52 -9.57 -4.36 -24.61
N SER A 53 -8.98 -5.51 -24.23
CA SER A 53 -7.59 -5.91 -24.54
C SER A 53 -7.55 -7.28 -25.24
N ALA A 54 -8.62 -8.08 -25.14
CA ALA A 54 -8.70 -9.45 -25.68
C ALA A 54 -8.68 -9.42 -27.21
N THR A 55 -9.63 -8.70 -27.82
CA THR A 55 -9.78 -8.54 -29.29
C THR A 55 -8.53 -7.83 -29.84
N LYS A 56 -7.84 -8.47 -30.79
CA LYS A 56 -6.64 -7.92 -31.47
C LYS A 56 -7.08 -7.27 -32.79
N VAL A 57 -7.13 -5.93 -32.81
CA VAL A 57 -7.47 -5.12 -34.00
C VAL A 57 -6.18 -4.92 -34.81
N THR A 58 -5.80 -5.95 -35.55
CA THR A 58 -4.54 -6.03 -36.37
C THR A 58 -4.76 -5.28 -37.69
N ALA A 59 -3.69 -5.18 -38.49
CA ALA A 59 -3.72 -4.62 -39.86
C ALA A 59 -4.69 -5.42 -40.73
N ASP A 60 -4.71 -6.75 -40.58
CA ASP A 60 -5.53 -7.70 -41.38
C ASP A 60 -7.02 -7.47 -41.11
N VAL A 61 -7.39 -7.24 -39.85
CA VAL A 61 -8.81 -7.03 -39.41
C VAL A 61 -9.30 -5.66 -39.93
N ILE A 62 -8.46 -4.63 -39.78
CA ILE A 62 -8.73 -3.23 -40.22
C ILE A 62 -8.93 -3.21 -41.75
N ASN A 63 -8.02 -3.85 -42.50
CA ASN A 63 -8.01 -3.86 -43.99
C ASN A 63 -9.23 -4.60 -44.53
N ALA A 64 -9.76 -5.57 -43.78
CA ALA A 64 -10.90 -6.43 -44.17
C ALA A 64 -12.24 -5.78 -43.84
N ALA A 65 -12.30 -5.00 -42.75
CA ALA A 65 -13.52 -4.30 -42.27
C ALA A 65 -13.74 -3.02 -43.08
N GLU A 66 -14.68 -3.05 -44.03
CA GLU A 66 -14.86 -2.01 -45.08
C GLU A 66 -15.59 -0.79 -44.51
N LYS A 67 -16.62 -0.99 -43.67
CA LYS A 67 -17.51 0.11 -43.17
C LYS A 67 -16.93 0.71 -41.88
N LEU A 68 -15.96 0.04 -41.25
CA LEU A 68 -15.39 0.45 -39.93
C LEU A 68 -14.78 1.85 -40.03
N GLN A 69 -15.18 2.77 -39.15
CA GLN A 69 -14.72 4.18 -39.13
C GLN A 69 -14.03 4.53 -37.81
N VAL A 70 -14.47 3.91 -36.69
CA VAL A 70 -13.95 4.23 -35.33
C VAL A 70 -13.78 2.93 -34.54
N VAL A 71 -12.60 2.75 -33.96
CA VAL A 71 -12.29 1.70 -32.95
C VAL A 71 -12.20 2.38 -31.59
N GLY A 72 -13.01 1.95 -30.63
CA GLY A 72 -13.00 2.46 -29.25
C GLY A 72 -12.46 1.42 -28.29
N ARG A 73 -11.46 1.80 -27.48
CA ARG A 73 -10.90 0.93 -26.42
C ARG A 73 -11.37 1.46 -25.06
N ALA A 74 -12.07 0.61 -24.31
CA ALA A 74 -12.47 0.87 -22.91
C ALA A 74 -11.25 0.68 -22.00
N GLY A 75 -10.32 1.65 -22.02
CA GLY A 75 -9.00 1.59 -21.35
C GLY A 75 -8.11 2.74 -21.80
N THR A 76 -6.89 2.87 -21.25
CA THR A 76 -5.97 4.00 -21.52
C THR A 76 -5.03 3.65 -22.68
N GLY A 77 -4.40 2.47 -22.65
CA GLY A 77 -3.52 1.98 -23.71
C GLY A 77 -4.30 1.73 -25.00
N VAL A 78 -3.58 1.47 -26.09
CA VAL A 78 -4.14 0.95 -27.38
C VAL A 78 -3.19 -0.12 -27.92
N ASP A 79 -2.60 -0.90 -27.00
CA ASP A 79 -1.62 -1.99 -27.25
C ASP A 79 -2.19 -2.97 -28.29
N ASN A 80 -3.49 -3.29 -28.19
CA ASN A 80 -4.18 -4.34 -29.00
C ASN A 80 -4.82 -3.74 -30.26
N VAL A 81 -4.44 -2.50 -30.65
CA VAL A 81 -4.91 -1.83 -31.90
C VAL A 81 -3.68 -1.35 -32.69
N ASP A 82 -3.63 -1.69 -33.99
CA ASP A 82 -2.56 -1.26 -34.92
C ASP A 82 -2.86 0.17 -35.36
N LEU A 83 -2.29 1.15 -34.64
CA LEU A 83 -2.52 2.61 -34.88
C LEU A 83 -2.12 2.99 -36.31
N GLU A 84 -0.99 2.46 -36.79
CA GLU A 84 -0.48 2.71 -38.17
C GLU A 84 -1.53 2.26 -39.19
N ALA A 85 -1.96 1.00 -39.12
CA ALA A 85 -2.95 0.39 -40.05
C ALA A 85 -4.24 1.21 -40.04
N ALA A 86 -4.72 1.59 -38.85
CA ALA A 86 -5.93 2.41 -38.65
C ALA A 86 -5.74 3.78 -39.30
N THR A 87 -4.58 4.41 -39.10
CA THR A 87 -4.24 5.76 -39.64
C THR A 87 -4.25 5.70 -41.18
N ARG A 88 -3.64 4.67 -41.76
CA ARG A 88 -3.56 4.45 -43.23
C ARG A 88 -4.97 4.38 -43.82
N LYS A 89 -5.92 3.79 -43.08
CA LYS A 89 -7.34 3.62 -43.50
C LYS A 89 -8.18 4.86 -43.16
N GLY A 90 -7.67 5.78 -42.33
CA GLY A 90 -8.42 6.96 -41.87
C GLY A 90 -9.41 6.63 -40.76
N ILE A 91 -9.27 5.44 -40.16
CA ILE A 91 -10.08 4.98 -39.00
C ILE A 91 -9.59 5.73 -37.75
N LEU A 92 -10.52 6.31 -36.98
CA LEU A 92 -10.22 7.01 -35.70
C LEU A 92 -10.11 5.96 -34.59
N VAL A 93 -9.05 6.01 -33.79
CA VAL A 93 -8.86 5.13 -32.60
C VAL A 93 -9.07 5.99 -31.36
N MET A 94 -10.03 5.61 -30.52
CA MET A 94 -10.38 6.35 -29.28
C MET A 94 -10.10 5.45 -28.07
N ASN A 95 -9.70 6.07 -26.97
CA ASN A 95 -9.50 5.37 -25.68
C ASN A 95 -10.23 6.18 -24.60
N THR A 96 -10.04 5.81 -23.33
CA THR A 96 -10.73 6.40 -22.17
C THR A 96 -9.68 6.93 -21.20
N PRO A 97 -9.13 8.13 -21.50
CA PRO A 97 -8.00 8.68 -20.73
C PRO A 97 -8.32 9.05 -19.28
N ASN A 98 -9.59 9.11 -18.87
CA ASN A 98 -10.01 9.58 -17.51
C ASN A 98 -10.47 8.42 -16.63
N GLY A 99 -11.07 7.36 -17.20
CA GLY A 99 -11.71 6.26 -16.47
C GLY A 99 -10.77 5.51 -15.55
N ASN A 100 -9.47 5.42 -15.91
CA ASN A 100 -8.47 4.57 -15.21
C ASN A 100 -7.59 5.38 -14.25
N SER A 101 -7.69 6.71 -14.25
N SER A 101 -7.70 6.71 -14.25
CA SER A 101 -6.77 7.64 -13.54
CA SER A 101 -6.75 7.63 -13.55
C SER A 101 -6.67 7.26 -12.06
C SER A 101 -6.66 7.28 -12.06
N LEU A 102 -7.79 7.22 -11.35
CA LEU A 102 -7.80 7.04 -9.88
C LEU A 102 -7.32 5.62 -9.55
N SER A 103 -7.75 4.62 -10.29
CA SER A 103 -7.31 3.22 -10.04
C SER A 103 -5.80 3.08 -10.23
N ALA A 104 -5.22 3.71 -11.25
CA ALA A 104 -3.76 3.68 -11.51
C ALA A 104 -3.03 4.46 -10.40
N ALA A 105 -3.54 5.62 -10.00
CA ALA A 105 -2.96 6.45 -8.91
C ALA A 105 -2.99 5.65 -7.60
N GLU A 106 -4.10 4.97 -7.30
CA GLU A 106 -4.23 4.18 -6.05
C GLU A 106 -3.20 3.04 -6.06
N LEU A 107 -3.06 2.31 -7.18
CA LEU A 107 -2.08 1.20 -7.22
C LEU A 107 -0.67 1.75 -7.03
N THR A 108 -0.36 2.89 -7.67
CA THR A 108 0.97 3.54 -7.52
C THR A 108 1.24 3.80 -6.04
N CYS A 109 0.30 4.42 -5.33
CA CYS A 109 0.44 4.75 -3.89
C CYS A 109 0.64 3.45 -3.09
N GLY A 110 -0.13 2.41 -3.38
CA GLY A 110 0.03 1.09 -2.76
C GLY A 110 1.44 0.56 -2.97
N MET A 111 1.97 0.70 -4.18
CA MET A 111 3.34 0.23 -4.53
CA MET A 111 3.34 0.21 -4.51
C MET A 111 4.38 1.01 -3.71
N ILE A 112 4.19 2.32 -3.56
CA ILE A 112 5.12 3.15 -2.75
C ILE A 112 5.13 2.61 -1.31
N MET A 113 3.96 2.38 -0.72
CA MET A 113 3.83 1.87 0.67
CA MET A 113 3.86 1.89 0.68
C MET A 113 4.47 0.49 0.76
N CYS A 114 4.25 -0.36 -0.24
CA CYS A 114 4.83 -1.74 -0.28
C CYS A 114 6.36 -1.69 -0.36
N LEU A 115 6.94 -0.74 -1.10
CA LEU A 115 8.41 -0.59 -1.18
C LEU A 115 8.96 -0.12 0.17
N ALA A 116 8.25 0.80 0.81
CA ALA A 116 8.68 1.42 2.10
C ALA A 116 8.75 0.34 3.19
N ARG A 117 7.85 -0.65 3.18
CA ARG A 117 7.70 -1.59 4.33
C ARG A 117 7.81 -3.06 3.89
N GLN A 118 8.11 -3.33 2.61
CA GLN A 118 8.31 -4.69 2.05
C GLN A 118 7.15 -5.61 2.45
N ILE A 119 5.91 -5.14 2.28
CA ILE A 119 4.71 -5.91 2.71
C ILE A 119 4.61 -7.21 1.89
N PRO A 120 4.79 -7.20 0.55
CA PRO A 120 4.71 -8.43 -0.24
C PRO A 120 5.74 -9.49 0.20
N GLN A 121 6.97 -9.07 0.47
CA GLN A 121 8.07 -9.96 0.92
C GLN A 121 7.75 -10.49 2.33
N ALA A 122 7.20 -9.65 3.20
CA ALA A 122 6.84 -10.02 4.59
C ALA A 122 5.71 -11.06 4.55
N THR A 123 4.72 -10.87 3.69
CA THR A 123 3.61 -11.86 3.50
C THR A 123 4.20 -13.19 3.02
N ALA A 124 5.09 -13.16 2.02
CA ALA A 124 5.72 -14.39 1.47
C ALA A 124 6.48 -15.11 2.58
N SER A 125 7.23 -14.38 3.40
CA SER A 125 8.00 -14.89 4.57
C SER A 125 7.03 -15.58 5.55
N MET A 126 5.95 -14.90 5.92
CA MET A 126 4.93 -15.47 6.86
C MET A 126 4.34 -16.77 6.26
N LYS A 127 4.04 -16.78 4.97
CA LYS A 127 3.38 -17.94 4.30
C LYS A 127 4.36 -19.10 4.16
N ASP A 128 5.67 -18.83 4.26
CA ASP A 128 6.75 -19.86 4.27
C ASP A 128 7.02 -20.32 5.71
N GLY A 129 6.19 -19.90 6.68
CA GLY A 129 6.27 -20.37 8.08
C GLY A 129 7.32 -19.64 8.90
N LYS A 130 7.84 -18.52 8.40
CA LYS A 130 8.96 -17.77 9.01
C LYS A 130 8.42 -16.56 9.78
N TRP A 131 9.19 -16.11 10.79
CA TRP A 131 8.95 -14.87 11.58
C TRP A 131 10.23 -14.03 11.57
N GLU A 132 10.36 -13.15 10.56
CA GLU A 132 11.62 -12.44 10.21
C GLU A 132 11.47 -10.93 10.48
N ARG A 133 11.33 -10.53 11.74
CA ARG A 133 11.14 -9.09 12.12
C ARG A 133 12.32 -8.24 11.65
N LYS A 134 13.56 -8.65 11.88
CA LYS A 134 14.77 -7.82 11.62
C LYS A 134 14.96 -7.61 10.10
N LYS A 135 14.79 -8.66 9.31
CA LYS A 135 14.98 -8.63 7.84
C LYS A 135 14.17 -7.49 7.21
N PHE A 136 13.01 -7.16 7.79
CA PHE A 136 11.99 -6.29 7.13
C PHE A 136 11.94 -4.90 7.78
N MET A 137 13.04 -4.46 8.42
CA MET A 137 13.23 -3.05 8.86
C MET A 137 12.96 -2.12 7.67
N GLY A 138 12.02 -1.19 7.82
CA GLY A 138 11.51 -0.38 6.69
C GLY A 138 11.81 1.09 6.86
N THR A 139 11.13 1.91 6.07
CA THR A 139 11.30 3.37 5.97
C THR A 139 9.96 4.05 6.25
N GLU A 140 9.98 5.09 7.07
CA GLU A 140 8.84 6.01 7.29
C GLU A 140 8.79 6.99 6.12
N LEU A 141 7.61 7.18 5.52
CA LEU A 141 7.42 8.06 4.33
C LEU A 141 7.42 9.53 4.74
N ASN A 142 6.97 9.85 5.96
CA ASN A 142 6.90 11.25 6.43
C ASN A 142 8.27 11.91 6.24
N GLY A 143 8.33 13.05 5.56
CA GLY A 143 9.55 13.84 5.36
C GLY A 143 10.41 13.37 4.20
N LYS A 144 10.07 12.26 3.55
CA LYS A 144 10.85 11.74 2.39
C LYS A 144 10.41 12.47 1.12
N THR A 145 11.28 12.48 0.12
CA THR A 145 11.03 13.15 -1.18
C THR A 145 10.58 12.13 -2.21
N LEU A 146 9.43 12.41 -2.83
CA LEU A 146 8.87 11.65 -3.96
C LEU A 146 9.06 12.49 -5.22
N GLY A 147 9.80 11.96 -6.20
CA GLY A 147 9.91 12.53 -7.55
C GLY A 147 8.82 11.97 -8.45
N ILE A 148 8.03 12.84 -9.06
CA ILE A 148 6.91 12.43 -9.96
C ILE A 148 7.23 12.92 -11.37
N LEU A 149 7.50 11.99 -12.29
CA LEU A 149 7.81 12.32 -13.70
C LEU A 149 6.53 12.12 -14.51
N GLY A 150 5.94 13.21 -14.97
CA GLY A 150 4.61 13.23 -15.61
C GLY A 150 3.58 13.70 -14.62
N LEU A 151 3.08 14.91 -14.81
CA LEU A 151 2.17 15.61 -13.88
C LEU A 151 0.84 15.84 -14.59
N GLY A 152 0.38 14.82 -15.33
CA GLY A 152 -0.94 14.81 -15.98
C GLY A 152 -1.98 14.26 -15.02
N ARG A 153 -2.92 13.49 -15.55
CA ARG A 153 -4.08 12.97 -14.78
C ARG A 153 -3.60 12.18 -13.57
N ILE A 154 -2.70 11.22 -13.78
CA ILE A 154 -2.32 10.26 -12.69
C ILE A 154 -1.28 10.91 -11.78
N GLY A 155 -0.27 11.57 -12.35
CA GLY A 155 0.81 12.20 -11.55
C GLY A 155 0.26 13.10 -10.45
N ARG A 156 -0.72 13.95 -10.77
CA ARG A 156 -1.24 14.95 -9.79
C ARG A 156 -2.06 14.22 -8.71
N GLU A 157 -2.72 13.10 -9.03
CA GLU A 157 -3.52 12.32 -8.04
C GLU A 157 -2.57 11.59 -7.08
N VAL A 158 -1.46 11.05 -7.60
CA VAL A 158 -0.41 10.43 -6.74
C VAL A 158 0.14 11.51 -5.80
N ALA A 159 0.40 12.71 -6.32
CA ALA A 159 1.00 13.82 -5.54
C ALA A 159 0.13 14.12 -4.30
N THR A 160 -1.16 14.39 -4.48
CA THR A 160 -2.03 14.84 -3.35
C THR A 160 -2.19 13.72 -2.33
N ARG A 161 -2.28 12.46 -2.76
CA ARG A 161 -2.37 11.32 -1.81
C ARG A 161 -1.07 11.24 -1.00
N MET A 162 0.09 11.27 -1.65
CA MET A 162 1.37 11.05 -0.92
C MET A 162 1.73 12.31 -0.10
N GLN A 163 1.21 13.47 -0.45
CA GLN A 163 1.33 14.70 0.39
C GLN A 163 0.69 14.47 1.76
N SER A 164 -0.38 13.66 1.84
CA SER A 164 -1.11 13.40 3.12
C SER A 164 -0.21 12.58 4.07
N PHE A 165 0.82 11.91 3.52
CA PHE A 165 1.80 11.12 4.30
C PHE A 165 2.97 12.01 4.72
N GLY A 166 2.94 13.31 4.37
CA GLY A 166 4.05 14.24 4.66
C GLY A 166 5.23 14.04 3.72
N MET A 167 5.01 13.46 2.54
CA MET A 167 6.08 13.36 1.52
C MET A 167 6.23 14.73 0.84
N LYS A 168 7.46 15.15 0.61
CA LYS A 168 7.79 16.31 -0.25
C LYS A 168 7.65 15.82 -1.69
N THR A 169 6.78 16.43 -2.49
CA THR A 169 6.50 16.02 -3.88
C THR A 169 7.16 17.03 -4.84
N ILE A 170 8.17 16.56 -5.57
CA ILE A 170 8.86 17.31 -6.64
C ILE A 170 8.60 16.56 -7.95
N GLY A 171 8.86 17.21 -9.09
CA GLY A 171 8.57 16.52 -10.35
C GLY A 171 8.95 17.33 -11.56
N TYR A 172 8.64 16.74 -12.71
CA TYR A 172 8.99 17.31 -14.03
C TYR A 172 7.89 16.92 -15.01
N ASP A 173 7.46 17.90 -15.80
CA ASP A 173 6.54 17.73 -16.94
C ASP A 173 6.86 18.82 -17.95
N PRO A 174 7.16 18.49 -19.22
CA PRO A 174 7.55 19.50 -20.20
C PRO A 174 6.43 20.49 -20.58
N ILE A 175 5.15 20.16 -20.31
CA ILE A 175 4.00 21.01 -20.74
C ILE A 175 3.29 21.66 -19.54
N ILE A 176 3.43 21.15 -18.33
CA ILE A 176 2.75 21.71 -17.13
C ILE A 176 3.64 22.82 -16.55
N SER A 177 3.14 24.05 -16.40
CA SER A 177 3.92 25.19 -15.86
C SER A 177 4.23 24.94 -14.39
N PRO A 178 5.39 25.42 -13.86
CA PRO A 178 5.67 25.34 -12.43
C PRO A 178 4.58 25.97 -11.53
N GLU A 179 3.91 27.01 -12.03
CA GLU A 179 2.78 27.68 -11.33
C GLU A 179 1.61 26.69 -11.20
N VAL A 180 1.27 25.99 -12.28
CA VAL A 180 0.14 25.00 -12.28
C VAL A 180 0.50 23.85 -11.35
N SER A 181 1.71 23.29 -11.44
CA SER A 181 2.11 22.12 -10.62
C SER A 181 2.11 22.54 -9.14
N ALA A 182 2.54 23.77 -8.83
CA ALA A 182 2.54 24.29 -7.44
C ALA A 182 1.13 24.25 -6.85
N SER A 183 0.10 24.47 -7.67
CA SER A 183 -1.33 24.50 -7.26
C SER A 183 -1.79 23.11 -6.78
N PHE A 184 -1.11 22.02 -7.17
CA PHE A 184 -1.35 20.66 -6.60
C PHE A 184 -0.11 20.16 -5.85
N GLY A 185 0.71 21.08 -5.34
CA GLY A 185 1.74 20.81 -4.33
C GLY A 185 2.98 20.15 -4.90
N VAL A 186 3.21 20.22 -6.21
CA VAL A 186 4.41 19.60 -6.84
C VAL A 186 5.38 20.70 -7.29
N GLN A 187 6.57 20.71 -6.70
CA GLN A 187 7.66 21.65 -7.06
C GLN A 187 8.34 21.11 -8.32
N GLN A 188 8.24 21.83 -9.43
CA GLN A 188 8.92 21.45 -10.68
C GLN A 188 10.37 21.93 -10.67
N LEU A 189 11.25 21.00 -11.02
CA LEU A 189 12.71 21.21 -11.16
C LEU A 189 13.14 20.53 -12.46
N PRO A 190 14.27 20.95 -13.05
CA PRO A 190 14.91 20.20 -14.13
C PRO A 190 15.24 18.78 -13.67
N LEU A 191 15.18 17.79 -14.57
CA LEU A 191 15.47 16.36 -14.24
C LEU A 191 16.78 16.26 -13.46
N GLU A 192 17.82 17.01 -13.87
CA GLU A 192 19.18 16.94 -13.28
C GLU A 192 19.12 17.32 -11.78
N GLU A 193 18.17 18.17 -11.37
CA GLU A 193 18.02 18.61 -9.96
C GLU A 193 17.14 17.63 -9.18
N ILE A 194 16.27 16.89 -9.88
CA ILE A 194 15.32 15.92 -9.24
C ILE A 194 16.10 14.70 -8.74
N TRP A 195 16.97 14.11 -9.56
CA TRP A 195 17.57 12.77 -9.27
C TRP A 195 18.19 12.77 -7.87
N PRO A 196 19.10 13.70 -7.51
CA PRO A 196 19.81 13.58 -6.23
C PRO A 196 18.93 13.77 -4.98
N LEU A 197 17.73 14.32 -5.13
CA LEU A 197 16.83 14.66 -4.00
C LEU A 197 15.92 13.49 -3.63
N CYS A 198 15.69 12.54 -4.54
CA CYS A 198 14.56 11.58 -4.44
C CYS A 198 14.89 10.39 -3.54
N ASP A 199 13.98 10.10 -2.61
CA ASP A 199 13.92 8.82 -1.87
C ASP A 199 13.13 7.82 -2.71
N PHE A 200 12.09 8.31 -3.39
CA PHE A 200 11.18 7.51 -4.26
C PHE A 200 11.03 8.27 -5.58
N ILE A 201 10.94 7.52 -6.68
CA ILE A 201 10.64 8.07 -8.03
C ILE A 201 9.51 7.24 -8.63
N THR A 202 8.50 7.91 -9.17
CA THR A 202 7.36 7.26 -9.87
C THR A 202 7.19 7.92 -11.23
N VAL A 203 6.87 7.12 -12.25
CA VAL A 203 6.75 7.61 -13.65
C VAL A 203 5.28 7.52 -14.09
N HIS A 204 4.78 8.61 -14.67
CA HIS A 204 3.37 8.76 -15.14
C HIS A 204 3.37 9.51 -16.48
N THR A 205 4.21 9.06 -17.40
CA THR A 205 4.36 9.64 -18.76
C THR A 205 3.80 8.66 -19.79
N PRO A 206 3.49 9.13 -21.02
CA PRO A 206 3.29 8.22 -22.13
C PRO A 206 4.64 7.55 -22.45
N LEU A 207 4.61 6.48 -23.25
CA LEU A 207 5.82 5.87 -23.84
C LEU A 207 6.10 6.60 -25.16
N LEU A 208 7.19 7.38 -25.17
CA LEU A 208 7.66 8.15 -26.34
C LEU A 208 9.17 7.90 -26.45
N PRO A 209 9.83 8.25 -27.58
CA PRO A 209 11.29 8.24 -27.64
C PRO A 209 11.91 8.97 -26.44
N SER A 210 11.35 10.12 -26.07
CA SER A 210 11.86 10.98 -24.97
C SER A 210 11.71 10.26 -23.60
N THR A 211 10.80 9.30 -23.46
CA THR A 211 10.52 8.61 -22.17
C THR A 211 10.99 7.15 -22.19
N THR A 212 11.50 6.66 -23.32
CA THR A 212 12.06 5.29 -23.42
C THR A 212 13.40 5.28 -22.70
N GLY A 213 13.48 4.63 -21.54
CA GLY A 213 14.65 4.70 -20.65
C GLY A 213 14.81 6.09 -20.04
N LEU A 214 13.68 6.74 -19.71
CA LEU A 214 13.64 8.00 -18.92
C LEU A 214 14.48 7.80 -17.65
N LEU A 215 14.37 6.62 -17.03
CA LEU A 215 15.32 6.12 -16.00
C LEU A 215 16.25 5.10 -16.68
N ASN A 216 17.56 5.33 -16.57
CA ASN A 216 18.59 4.53 -17.25
C ASN A 216 19.87 4.60 -16.40
N ASP A 217 20.99 4.07 -16.89
CA ASP A 217 22.26 4.07 -16.12
C ASP A 217 22.67 5.51 -15.78
N ASN A 218 22.54 6.46 -16.72
CA ASN A 218 22.89 7.90 -16.51
C ASN A 218 22.04 8.48 -15.37
N THR A 219 20.74 8.19 -15.33
CA THR A 219 19.82 8.77 -14.31
C THR A 219 20.07 8.12 -12.95
N PHE A 220 20.25 6.79 -12.89
CA PHE A 220 20.51 6.06 -11.62
C PHE A 220 21.82 6.56 -11.00
N ALA A 221 22.82 6.92 -11.81
CA ALA A 221 24.13 7.44 -11.35
C ALA A 221 23.95 8.76 -10.61
N GLN A 222 22.89 9.52 -10.92
CA GLN A 222 22.62 10.86 -10.33
C GLN A 222 21.73 10.74 -9.09
N CYS A 223 21.16 9.55 -8.86
CA CYS A 223 20.20 9.29 -7.77
C CYS A 223 20.92 9.11 -6.42
N LYS A 224 20.19 9.36 -5.34
CA LYS A 224 20.58 9.00 -3.96
C LYS A 224 20.73 7.48 -3.92
N LYS A 225 21.81 6.97 -3.32
CA LYS A 225 21.99 5.51 -3.13
C LYS A 225 20.81 5.00 -2.31
N GLY A 226 20.15 3.94 -2.77
CA GLY A 226 19.00 3.32 -2.10
C GLY A 226 17.68 3.93 -2.54
N VAL A 227 17.65 4.64 -3.67
CA VAL A 227 16.38 5.17 -4.26
C VAL A 227 15.44 3.98 -4.52
N ARG A 228 14.14 4.21 -4.37
CA ARG A 228 13.07 3.23 -4.69
C ARG A 228 12.30 3.76 -5.89
N VAL A 229 11.92 2.87 -6.80
N VAL A 229 11.97 2.88 -6.84
CA VAL A 229 11.38 3.25 -8.14
CA VAL A 229 11.35 3.32 -8.13
C VAL A 229 10.05 2.54 -8.37
C VAL A 229 10.06 2.55 -8.38
N VAL A 230 9.06 3.25 -8.89
CA VAL A 230 7.73 2.69 -9.26
C VAL A 230 7.51 2.93 -10.74
N ASN A 231 7.14 1.89 -11.48
CA ASN A 231 6.60 2.04 -12.86
C ASN A 231 5.24 1.37 -12.94
N CYS A 232 4.19 2.17 -12.78
CA CYS A 232 2.77 1.80 -13.06
C CYS A 232 2.27 2.55 -14.29
N ALA A 233 3.16 2.89 -15.23
CA ALA A 233 2.82 3.66 -16.46
C ALA A 233 2.87 2.72 -17.67
N ARG A 234 4.04 2.56 -18.29
N ARG A 234 4.04 2.56 -18.29
CA ARG A 234 4.22 1.68 -19.48
CA ARG A 234 4.21 1.66 -19.46
C ARG A 234 5.61 1.04 -19.41
C ARG A 234 5.61 1.04 -19.42
N GLY A 235 5.70 -0.23 -19.82
CA GLY A 235 6.98 -0.96 -19.88
C GLY A 235 7.97 -0.25 -20.78
N GLY A 236 9.20 -0.06 -20.30
CA GLY A 236 10.29 0.54 -21.07
C GLY A 236 10.61 1.97 -20.65
N ILE A 237 9.71 2.62 -19.90
CA ILE A 237 9.98 4.01 -19.41
C ILE A 237 11.17 3.92 -18.45
N VAL A 238 11.17 2.89 -17.60
CA VAL A 238 12.36 2.53 -16.79
C VAL A 238 13.13 1.48 -17.60
N ASP A 239 14.38 1.75 -17.96
CA ASP A 239 15.21 0.78 -18.69
C ASP A 239 15.39 -0.45 -17.79
N GLU A 240 14.90 -1.63 -18.23
CA GLU A 240 14.82 -2.83 -17.36
C GLU A 240 16.24 -3.35 -17.09
N GLY A 241 17.15 -3.28 -18.07
CA GLY A 241 18.58 -3.59 -17.89
C GLY A 241 19.22 -2.68 -16.85
N ALA A 242 19.00 -1.37 -16.94
CA ALA A 242 19.59 -0.37 -16.02
C ALA A 242 19.01 -0.57 -14.61
N LEU A 243 17.70 -0.84 -14.50
CA LEU A 243 17.04 -1.08 -13.18
C LEU A 243 17.67 -2.30 -12.52
N LEU A 244 17.83 -3.41 -13.24
CA LEU A 244 18.42 -4.64 -12.67
C LEU A 244 19.84 -4.35 -12.18
N ARG A 245 20.65 -3.63 -12.96
CA ARG A 245 22.05 -3.26 -12.57
C ARG A 245 22.00 -2.42 -11.28
N ALA A 246 21.06 -1.49 -11.17
CA ALA A 246 20.92 -0.60 -9.98
C ALA A 246 20.49 -1.43 -8.76
N LEU A 247 19.59 -2.41 -8.94
CA LEU A 247 19.14 -3.32 -7.85
C LEU A 247 20.32 -4.17 -7.39
N GLN A 248 21.14 -4.63 -8.35
CA GLN A 248 22.28 -5.54 -8.06
C GLN A 248 23.36 -4.79 -7.27
N SER A 249 23.60 -3.51 -7.57
CA SER A 249 24.64 -2.66 -6.92
C SER A 249 24.12 -2.12 -5.58
N GLY A 250 22.80 -2.03 -5.41
CA GLY A 250 22.14 -1.36 -4.27
C GLY A 250 21.93 0.13 -4.53
N GLN A 251 22.31 0.63 -5.70
CA GLN A 251 22.02 2.04 -6.08
C GLN A 251 20.50 2.24 -5.99
N CYS A 252 19.73 1.22 -6.39
CA CYS A 252 18.26 1.14 -6.20
C CYS A 252 17.96 0.10 -5.12
N ALA A 253 17.29 0.50 -4.03
CA ALA A 253 16.96 -0.38 -2.88
C ALA A 253 15.71 -1.23 -3.17
N GLY A 254 14.93 -0.87 -4.19
CA GLY A 254 13.72 -1.61 -4.53
C GLY A 254 12.93 -0.97 -5.65
N ALA A 255 12.15 -1.80 -6.33
CA ALA A 255 11.34 -1.36 -7.48
C ALA A 255 9.99 -2.06 -7.44
N ALA A 256 8.96 -1.35 -7.85
CA ALA A 256 7.58 -1.88 -8.00
C ALA A 256 7.18 -1.70 -9.47
N LEU A 257 6.84 -2.80 -10.14
CA LEU A 257 6.57 -2.79 -11.59
C LEU A 257 5.18 -3.39 -11.84
N ASP A 258 4.29 -2.59 -12.43
CA ASP A 258 2.97 -3.05 -12.93
C ASP A 258 3.09 -3.44 -14.41
N VAL A 259 4.16 -3.01 -15.08
CA VAL A 259 4.25 -3.00 -16.56
C VAL A 259 5.67 -3.38 -16.99
N PHE A 260 5.79 -4.01 -18.17
CA PHE A 260 7.04 -4.62 -18.69
C PHE A 260 7.12 -4.39 -20.20
N THR A 261 8.34 -4.36 -20.75
CA THR A 261 8.58 -4.14 -22.20
C THR A 261 7.92 -5.28 -22.98
N GLU A 262 7.87 -6.46 -22.39
CA GLU A 262 7.12 -7.64 -22.91
C GLU A 262 6.16 -8.11 -21.82
N GLU A 263 4.89 -8.33 -22.16
CA GLU A 263 3.84 -8.75 -21.20
C GLU A 263 3.15 -10.01 -21.71
N PRO A 264 3.26 -11.16 -21.00
CA PRO A 264 4.03 -11.27 -19.77
C PRO A 264 5.53 -11.26 -20.06
N PRO A 265 6.38 -10.82 -19.11
CA PRO A 265 7.82 -10.78 -19.34
C PRO A 265 8.42 -12.19 -19.44
N ARG A 266 9.24 -12.43 -20.48
CA ARG A 266 9.96 -13.72 -20.68
C ARG A 266 11.27 -13.69 -19.88
N ASP A 267 11.92 -12.53 -19.79
CA ASP A 267 13.10 -12.29 -18.90
C ASP A 267 12.57 -12.09 -17.48
N ARG A 268 12.97 -12.97 -16.55
CA ARG A 268 12.39 -13.03 -15.18
C ARG A 268 13.36 -12.43 -14.15
N ALA A 269 14.51 -11.88 -14.58
CA ALA A 269 15.59 -11.40 -13.68
C ALA A 269 15.06 -10.33 -12.73
N LEU A 270 14.30 -9.34 -13.25
CA LEU A 270 13.71 -8.25 -12.44
C LEU A 270 12.65 -8.84 -11.50
N VAL A 271 11.68 -9.56 -12.06
CA VAL A 271 10.50 -10.08 -11.31
C VAL A 271 11.00 -10.91 -10.12
N ASP A 272 12.05 -11.71 -10.34
CA ASP A 272 12.58 -12.69 -9.35
C ASP A 272 13.44 -11.98 -8.30
N HIS A 273 13.86 -10.73 -8.51
CA HIS A 273 14.76 -10.01 -7.57
C HIS A 273 14.05 -9.80 -6.23
N GLU A 274 14.72 -10.05 -5.11
CA GLU A 274 14.11 -10.02 -3.75
C GLU A 274 13.54 -8.62 -3.46
N ASN A 275 14.10 -7.56 -4.06
CA ASN A 275 13.71 -6.15 -3.79
C ASN A 275 12.72 -5.65 -4.84
N VAL A 276 12.21 -6.53 -5.71
CA VAL A 276 11.21 -6.14 -6.74
C VAL A 276 9.84 -6.71 -6.35
N ILE A 277 8.84 -5.84 -6.32
CA ILE A 277 7.40 -6.22 -6.18
C ILE A 277 6.74 -5.94 -7.53
N SER A 278 5.73 -6.72 -7.90
CA SER A 278 5.15 -6.67 -9.25
C SER A 278 3.68 -7.09 -9.23
N CYS A 279 2.98 -6.67 -10.28
CA CYS A 279 1.56 -7.01 -10.59
C CYS A 279 1.50 -7.29 -12.08
N PRO A 280 0.59 -8.18 -12.53
CA PRO A 280 0.41 -8.40 -13.96
C PRO A 280 -0.46 -7.31 -14.61
N HIS A 281 0.06 -6.08 -14.65
CA HIS A 281 -0.58 -4.91 -15.32
C HIS A 281 -2.00 -4.74 -14.75
N LEU A 282 -2.10 -4.50 -13.45
CA LEU A 282 -3.38 -4.36 -12.72
C LEU A 282 -3.78 -2.90 -12.52
N GLY A 283 -3.05 -1.93 -13.08
CA GLY A 283 -3.30 -0.49 -12.84
C GLY A 283 -4.75 -0.08 -13.08
N ALA A 284 -5.41 -0.68 -14.08
CA ALA A 284 -6.80 -0.37 -14.48
C ALA A 284 -7.75 -1.48 -14.02
N SER A 285 -7.26 -2.46 -13.26
CA SER A 285 -8.02 -3.68 -12.89
C SER A 285 -8.78 -3.46 -11.59
N THR A 286 -9.76 -2.56 -11.60
CA THR A 286 -10.80 -2.44 -10.55
C THR A 286 -12.16 -2.51 -11.22
N LYS A 287 -13.16 -3.02 -10.49
CA LYS A 287 -14.57 -3.08 -10.96
C LYS A 287 -14.99 -1.66 -11.36
N GLU A 288 -14.61 -0.65 -10.57
CA GLU A 288 -15.05 0.75 -10.75
C GLU A 288 -14.43 1.33 -12.03
N ALA A 289 -13.11 1.13 -12.25
CA ALA A 289 -12.41 1.65 -13.44
C ALA A 289 -12.98 0.98 -14.69
N GLN A 290 -13.14 -0.35 -14.67
CA GLN A 290 -13.62 -1.12 -15.85
C GLN A 290 -15.02 -0.61 -16.22
N SER A 291 -15.88 -0.38 -15.23
CA SER A 291 -17.24 0.20 -15.41
C SER A 291 -17.15 1.61 -16.01
N ARG A 292 -16.32 2.48 -15.43
CA ARG A 292 -16.21 3.90 -15.87
C ARG A 292 -15.65 3.98 -17.30
N CYS A 293 -14.69 3.14 -17.66
CA CYS A 293 -14.11 3.12 -19.03
C CYS A 293 -15.18 2.68 -20.05
N GLY A 294 -15.98 1.67 -19.71
CA GLY A 294 -17.09 1.18 -20.56
C GLY A 294 -18.07 2.31 -20.86
N GLU A 295 -18.40 3.10 -19.84
CA GLU A 295 -19.29 4.30 -19.93
C GLU A 295 -18.59 5.39 -20.76
N GLU A 296 -17.32 5.69 -20.44
CA GLU A 296 -16.53 6.78 -21.04
C GLU A 296 -16.42 6.58 -22.56
N ILE A 297 -16.19 5.36 -23.03
CA ILE A 297 -16.05 5.07 -24.49
C ILE A 297 -17.42 5.23 -25.17
N ALA A 298 -18.50 4.77 -24.52
CA ALA A 298 -19.89 4.88 -25.05
C ALA A 298 -20.25 6.36 -25.23
N VAL A 299 -19.94 7.19 -24.22
CA VAL A 299 -20.22 8.66 -24.23
C VAL A 299 -19.47 9.31 -25.41
N GLN A 300 -18.21 8.93 -25.65
CA GLN A 300 -17.38 9.47 -26.76
C GLN A 300 -18.04 9.15 -28.10
N PHE A 301 -18.55 7.92 -28.26
CA PHE A 301 -19.26 7.48 -29.51
C PHE A 301 -20.50 8.35 -29.70
N VAL A 302 -21.29 8.54 -28.64
CA VAL A 302 -22.56 9.34 -28.68
C VAL A 302 -22.23 10.80 -28.99
N ASP A 303 -21.15 11.34 -28.42
CA ASP A 303 -20.68 12.74 -28.66
C ASP A 303 -20.37 12.90 -30.16
N MET A 304 -19.73 11.89 -30.78
CA MET A 304 -19.43 11.86 -32.24
C MET A 304 -20.74 11.95 -33.04
N VAL A 305 -21.76 11.18 -32.64
CA VAL A 305 -23.12 11.15 -33.27
C VAL A 305 -23.71 12.56 -33.22
N LYS A 306 -23.62 13.21 -32.05
CA LYS A 306 -24.20 14.55 -31.77
C LYS A 306 -23.49 15.60 -32.63
N LEU A 307 -22.21 15.41 -32.91
CA LEU A 307 -21.38 16.30 -33.77
C LEU A 307 -21.75 16.13 -35.25
N GLU A 308 -22.40 15.02 -35.64
CA GLU A 308 -22.96 14.81 -37.00
C GLU A 308 -24.48 14.71 -36.89
N ASN B 3 20.95 7.08 42.45
CA ASN B 3 19.86 7.13 41.43
C ASN B 3 20.06 5.99 40.42
N LEU B 4 20.39 6.30 39.15
CA LEU B 4 20.81 5.33 38.11
C LEU B 4 22.32 5.46 37.90
N ARG B 5 23.07 4.38 38.07
CA ARG B 5 24.52 4.29 37.74
C ARG B 5 24.65 3.65 36.35
N LYS B 6 24.10 2.44 36.20
CA LYS B 6 24.27 1.56 35.02
C LYS B 6 22.90 1.22 34.45
N VAL B 7 22.80 1.21 33.12
CA VAL B 7 21.59 0.80 32.34
C VAL B 7 21.98 -0.32 31.38
N LEU B 8 21.24 -1.43 31.39
CA LEU B 8 21.38 -2.54 30.41
C LEU B 8 20.37 -2.33 29.28
N ILE B 9 20.82 -2.53 28.03
CA ILE B 9 19.96 -2.58 26.82
C ILE B 9 19.97 -4.01 26.28
N SER B 10 18.88 -4.76 26.49
CA SER B 10 18.77 -6.22 26.26
C SER B 10 18.19 -6.52 24.86
N ASP B 11 17.81 -5.50 24.09
CA ASP B 11 17.29 -5.63 22.71
C ASP B 11 18.03 -4.65 21.79
N SER B 12 17.87 -4.81 20.47
CA SER B 12 18.56 -4.00 19.43
C SER B 12 17.86 -2.64 19.31
N LEU B 13 18.57 -1.56 19.71
CA LEU B 13 18.06 -0.17 19.65
C LEU B 13 19.01 0.70 18.81
N ASP B 14 18.50 1.83 18.29
CA ASP B 14 19.28 2.89 17.61
C ASP B 14 20.43 3.30 18.53
N PRO B 15 21.67 3.49 18.00
CA PRO B 15 22.79 3.98 18.81
C PRO B 15 22.50 5.25 19.62
N CYS B 16 21.51 6.05 19.22
CA CYS B 16 21.21 7.37 19.85
C CYS B 16 20.65 7.17 21.27
N CYS B 17 20.06 6.01 21.56
CA CYS B 17 19.58 5.64 22.93
C CYS B 17 20.77 5.69 23.89
N ARG B 18 21.81 4.90 23.60
CA ARG B 18 23.06 4.81 24.41
C ARG B 18 23.69 6.19 24.52
N LYS B 19 23.74 6.96 23.42
CA LYS B 19 24.44 8.27 23.34
C LYS B 19 23.79 9.26 24.34
N ILE B 20 22.46 9.38 24.32
CA ILE B 20 21.70 10.33 25.18
C ILE B 20 21.90 9.95 26.65
N LEU B 21 21.84 8.65 26.97
CA LEU B 21 22.05 8.11 28.33
C LEU B 21 23.46 8.47 28.83
N GLN B 22 24.48 8.28 27.97
CA GLN B 22 25.91 8.56 28.30
C GLN B 22 26.15 10.07 28.36
N ASP B 23 25.41 10.86 27.58
CA ASP B 23 25.41 12.35 27.64
C ASP B 23 24.82 12.80 28.98
N GLY B 24 23.90 12.00 29.55
CA GLY B 24 23.22 12.26 30.83
C GLY B 24 23.99 11.73 32.03
N GLY B 25 25.16 11.12 31.81
CA GLY B 25 26.10 10.68 32.86
C GLY B 25 25.85 9.26 33.32
N LEU B 26 25.09 8.47 32.55
CA LEU B 26 24.77 7.05 32.85
C LEU B 26 25.76 6.13 32.11
N GLN B 27 26.09 4.99 32.72
CA GLN B 27 26.91 3.91 32.10
C GLN B 27 25.94 2.93 31.42
N VAL B 28 26.28 2.48 30.21
CA VAL B 28 25.38 1.64 29.36
C VAL B 28 26.10 0.36 28.94
N VAL B 29 25.43 -0.78 29.08
CA VAL B 29 25.80 -2.09 28.46
C VAL B 29 24.71 -2.43 27.44
N GLU B 30 25.09 -3.05 26.32
CA GLU B 30 24.19 -3.36 25.17
C GLU B 30 24.47 -4.81 24.72
N LYS B 31 23.56 -5.73 25.05
CA LYS B 31 23.63 -7.17 24.70
C LYS B 31 22.24 -7.68 24.31
N GLN B 32 22.16 -8.40 23.18
CA GLN B 32 20.91 -8.95 22.61
C GLN B 32 20.96 -10.49 22.66
N ASN B 33 19.80 -11.15 22.50
CA ASN B 33 19.64 -12.63 22.47
C ASN B 33 20.25 -13.25 23.74
N LEU B 34 20.07 -12.60 24.89
CA LEU B 34 20.53 -13.11 26.21
C LEU B 34 19.52 -14.15 26.73
N SER B 35 20.01 -15.23 27.35
CA SER B 35 19.18 -16.24 28.07
C SER B 35 18.60 -15.60 29.33
N LYS B 36 17.50 -16.18 29.86
CA LYS B 36 16.79 -15.67 31.06
C LYS B 36 17.79 -15.62 32.22
N GLU B 37 18.60 -16.67 32.39
CA GLU B 37 19.70 -16.73 33.38
C GLU B 37 20.72 -15.62 33.06
N GLU B 38 21.14 -15.51 31.79
CA GLU B 38 22.12 -14.51 31.30
C GLU B 38 21.62 -13.09 31.60
N LEU B 39 20.34 -12.81 31.33
CA LEU B 39 19.70 -11.49 31.56
C LEU B 39 19.80 -11.14 33.05
N ILE B 40 19.45 -12.10 33.93
CA ILE B 40 19.46 -11.93 35.40
C ILE B 40 20.89 -11.60 35.86
N ALA B 41 21.89 -12.28 35.29
CA ALA B 41 23.33 -12.12 35.61
C ALA B 41 23.79 -10.69 35.32
N GLU B 42 23.43 -10.12 34.17
CA GLU B 42 23.95 -8.80 33.73
C GLU B 42 23.20 -7.66 34.44
N LEU B 43 22.05 -7.94 35.06
CA LEU B 43 21.18 -6.92 35.70
C LEU B 43 21.60 -6.65 37.15
N GLN B 44 22.47 -7.47 37.74
CA GLN B 44 22.89 -7.37 39.16
C GLN B 44 23.58 -6.02 39.42
N ASP B 45 24.27 -5.46 38.42
CA ASP B 45 25.00 -4.17 38.50
C ASP B 45 24.09 -3.01 38.10
N CYS B 46 22.92 -3.28 37.51
CA CYS B 46 22.08 -2.28 36.80
C CYS B 46 20.86 -1.86 37.61
N GLU B 47 20.59 -0.54 37.67
CA GLU B 47 19.35 0.06 38.21
C GLU B 47 18.34 0.24 37.06
N GLY B 48 18.83 0.32 35.82
CA GLY B 48 18.00 0.56 34.61
C GLY B 48 18.08 -0.61 33.63
N LEU B 49 16.94 -0.99 33.05
CA LEU B 49 16.84 -1.97 31.93
C LEU B 49 15.99 -1.32 30.82
N ILE B 50 16.50 -1.33 29.58
CA ILE B 50 15.76 -0.87 28.38
C ILE B 50 15.55 -2.07 27.44
N VAL B 51 14.29 -2.31 27.04
CA VAL B 51 13.88 -3.47 26.19
C VAL B 51 13.09 -2.94 24.99
N ARG B 52 12.88 -3.81 24.00
CA ARG B 52 11.88 -3.68 22.91
C ARG B 52 10.72 -4.62 23.23
N SER B 53 10.55 -5.71 22.49
CA SER B 53 9.48 -6.72 22.66
C SER B 53 10.07 -8.13 22.85
N ALA B 54 11.33 -8.34 22.43
CA ALA B 54 12.02 -9.66 22.44
C ALA B 54 12.22 -10.13 23.89
N THR B 55 12.93 -9.32 24.69
CA THR B 55 13.25 -9.59 26.12
C THR B 55 11.94 -9.67 26.92
N LYS B 56 11.71 -10.80 27.59
CA LYS B 56 10.50 -11.02 28.45
C LYS B 56 10.88 -10.70 29.90
N VAL B 57 10.41 -9.54 30.40
CA VAL B 57 10.61 -9.08 31.80
C VAL B 57 9.50 -9.70 32.65
N THR B 58 9.65 -10.98 32.99
CA THR B 58 8.68 -11.82 33.75
C THR B 58 8.79 -11.50 35.24
N ALA B 59 7.91 -12.10 36.06
CA ALA B 59 7.94 -12.03 37.53
C ALA B 59 9.28 -12.58 38.05
N ASP B 60 9.78 -13.67 37.45
CA ASP B 60 11.02 -14.38 37.85
C ASP B 60 12.25 -13.48 37.65
N VAL B 61 12.29 -12.73 36.54
CA VAL B 61 13.43 -11.83 36.18
C VAL B 61 13.42 -10.62 37.13
N ILE B 62 12.24 -10.04 37.36
CA ILE B 62 12.02 -8.87 38.28
C ILE B 62 12.44 -9.26 39.70
N ASN B 63 11.97 -10.41 40.20
CA ASN B 63 12.20 -10.88 41.58
C ASN B 63 13.69 -11.18 41.82
N ALA B 64 14.43 -11.54 40.76
CA ALA B 64 15.86 -11.94 40.81
C ALA B 64 16.77 -10.70 40.71
N ALA B 65 16.35 -9.67 39.96
CA ALA B 65 17.09 -8.41 39.76
C ALA B 65 16.89 -7.48 40.97
N GLU B 66 17.89 -7.43 41.86
CA GLU B 66 17.76 -6.79 43.20
C GLU B 66 17.91 -5.27 43.09
N LYS B 67 18.83 -4.78 42.27
CA LYS B 67 19.16 -3.33 42.15
C LYS B 67 18.24 -2.65 41.13
N LEU B 68 17.51 -3.41 40.32
CA LEU B 68 16.64 -2.88 39.22
C LEU B 68 15.58 -1.94 39.82
N GLN B 69 15.49 -0.72 39.29
CA GLN B 69 14.51 0.31 39.75
C GLN B 69 13.55 0.68 38.62
N VAL B 70 14.04 0.75 37.38
CA VAL B 70 13.23 1.21 36.21
C VAL B 70 13.42 0.26 35.03
N VAL B 71 12.31 -0.18 34.44
CA VAL B 71 12.25 -0.89 33.13
C VAL B 71 11.72 0.12 32.10
N GLY B 72 12.49 0.35 31.03
CA GLY B 72 12.10 1.21 29.90
C GLY B 72 11.83 0.39 28.65
N ARG B 73 10.66 0.57 28.05
CA ARG B 73 10.26 -0.13 26.79
C ARG B 73 10.28 0.90 25.66
N ALA B 74 11.14 0.72 24.66
CA ALA B 74 11.21 1.60 23.46
C ALA B 74 10.10 1.17 22.49
N GLY B 75 8.84 1.42 22.87
CA GLY B 75 7.62 1.03 22.14
C GLY B 75 6.38 1.31 22.98
N THR B 76 5.18 0.99 22.46
CA THR B 76 3.88 1.24 23.13
C THR B 76 3.46 0.02 23.96
N GLY B 77 2.53 0.21 24.90
CA GLY B 77 2.02 -0.86 25.78
C GLY B 77 3.13 -1.40 26.66
N VAL B 78 2.86 -2.50 27.38
CA VAL B 78 3.81 -3.15 28.33
C VAL B 78 3.68 -4.67 28.17
N ASP B 79 3.44 -5.13 26.94
CA ASP B 79 3.09 -6.54 26.59
C ASP B 79 4.11 -7.51 27.18
N ASN B 80 5.40 -7.19 27.06
CA ASN B 80 6.52 -8.12 27.42
C ASN B 80 7.06 -7.80 28.82
N VAL B 81 6.30 -7.06 29.65
CA VAL B 81 6.66 -6.70 31.04
C VAL B 81 5.50 -7.08 31.98
N ASP B 82 5.80 -7.80 33.07
CA ASP B 82 4.82 -8.14 34.13
C ASP B 82 4.64 -6.90 35.02
N LEU B 83 3.66 -6.06 34.71
CA LEU B 83 3.40 -4.78 35.43
C LEU B 83 3.09 -5.06 36.91
N GLU B 84 2.31 -6.11 37.19
CA GLU B 84 1.95 -6.54 38.57
C GLU B 84 3.23 -6.83 39.36
N ALA B 85 4.11 -7.67 38.82
CA ALA B 85 5.38 -8.08 39.47
C ALA B 85 6.22 -6.83 39.74
N ALA B 86 6.37 -5.96 38.75
CA ALA B 86 7.17 -4.72 38.83
C ALA B 86 6.59 -3.79 39.91
N THR B 87 5.26 -3.63 39.93
CA THR B 87 4.54 -2.74 40.89
C THR B 87 4.77 -3.25 42.31
N ARG B 88 4.67 -4.57 42.53
CA ARG B 88 4.88 -5.20 43.86
C ARG B 88 6.30 -4.92 44.36
N LYS B 89 7.29 -4.92 43.45
CA LYS B 89 8.72 -4.68 43.76
C LYS B 89 9.02 -3.17 43.81
N GLY B 90 8.08 -2.31 43.43
CA GLY B 90 8.25 -0.86 43.41
C GLY B 90 9.00 -0.36 42.19
N ILE B 91 9.25 -1.24 41.22
CA ILE B 91 10.00 -0.93 39.96
C ILE B 91 9.08 -0.11 39.05
N LEU B 92 9.58 0.99 38.49
CA LEU B 92 8.81 1.89 37.60
C LEU B 92 8.95 1.38 36.16
N VAL B 93 7.82 1.18 35.47
CA VAL B 93 7.80 0.71 34.05
C VAL B 93 7.41 1.90 33.17
N MET B 94 8.27 2.24 32.21
CA MET B 94 8.07 3.40 31.29
C MET B 94 8.04 2.90 29.84
N ASN B 95 7.28 3.55 28.96
CA ASN B 95 7.24 3.18 27.52
C ASN B 95 7.24 4.47 26.69
N THR B 96 7.11 4.35 25.36
CA THR B 96 7.29 5.47 24.40
C THR B 96 6.03 5.56 23.54
N PRO B 97 4.91 6.09 24.08
CA PRO B 97 3.62 6.05 23.39
C PRO B 97 3.51 6.86 22.08
N ASN B 98 4.49 7.72 21.77
CA ASN B 98 4.44 8.65 20.61
C ASN B 98 5.36 8.20 19.46
N GLY B 99 6.50 7.55 19.77
CA GLY B 99 7.58 7.31 18.80
C GLY B 99 7.15 6.45 17.61
N ASN B 100 6.20 5.52 17.81
CA ASN B 100 5.82 4.49 16.81
C ASN B 100 4.56 4.88 16.02
N SER B 101 3.87 5.96 16.41
CA SER B 101 2.52 6.31 15.91
C SER B 101 2.51 6.39 14.37
N LEU B 102 3.39 7.21 13.78
CA LEU B 102 3.38 7.45 12.32
C LEU B 102 3.72 6.16 11.57
N SER B 103 4.72 5.40 12.04
CA SER B 103 5.13 4.15 11.37
C SER B 103 3.98 3.14 11.39
N ALA B 104 3.24 3.02 12.50
CA ALA B 104 2.08 2.11 12.61
C ALA B 104 0.95 2.59 11.69
N ALA B 105 0.68 3.90 11.66
CA ALA B 105 -0.35 4.49 10.78
C ALA B 105 0.01 4.22 9.31
N GLU B 106 1.27 4.40 8.94
CA GLU B 106 1.70 4.20 7.54
C GLU B 106 1.53 2.73 7.15
N LEU B 107 1.92 1.79 8.01
CA LEU B 107 1.77 0.35 7.70
C LEU B 107 0.28 0.03 7.53
N THR B 108 -0.57 0.56 8.41
CA THR B 108 -2.04 0.37 8.34
C THR B 108 -2.54 0.80 6.96
N CYS B 109 -2.16 2.01 6.52
CA CYS B 109 -2.58 2.55 5.20
C CYS B 109 -2.08 1.64 4.07
N GLY B 110 -0.83 1.18 4.15
CA GLY B 110 -0.26 0.21 3.19
C GLY B 110 -1.09 -1.05 3.14
N MET B 111 -1.52 -1.56 4.30
CA MET B 111 -2.35 -2.80 4.39
CA MET B 111 -2.33 -2.80 4.35
C MET B 111 -3.72 -2.56 3.73
N ILE B 112 -4.31 -1.37 3.92
CA ILE B 112 -5.61 -1.05 3.28
C ILE B 112 -5.43 -1.10 1.75
N MET B 113 -4.37 -0.48 1.22
CA MET B 113 -4.11 -0.48 -0.24
CA MET B 113 -4.03 -0.48 -0.24
C MET B 113 -3.85 -1.92 -0.72
N CYS B 114 -3.11 -2.71 0.05
CA CYS B 114 -2.79 -4.12 -0.29
C CYS B 114 -4.06 -4.96 -0.33
N LEU B 115 -5.03 -4.71 0.56
CA LEU B 115 -6.31 -5.47 0.56
C LEU B 115 -7.12 -5.08 -0.67
N ALA B 116 -7.11 -3.81 -1.03
CA ALA B 116 -7.90 -3.28 -2.16
C ALA B 116 -7.41 -3.91 -3.47
N ARG B 117 -6.11 -4.16 -3.62
CA ARG B 117 -5.51 -4.55 -4.95
C ARG B 117 -4.73 -5.88 -4.87
N GLN B 118 -4.68 -6.54 -3.72
CA GLN B 118 -3.99 -7.85 -3.52
C GLN B 118 -2.56 -7.78 -4.07
N ILE B 119 -1.81 -6.73 -3.74
CA ILE B 119 -0.43 -6.54 -4.25
C ILE B 119 0.47 -7.69 -3.75
N PRO B 120 0.44 -8.09 -2.46
CA PRO B 120 1.31 -9.20 -2.00
C PRO B 120 1.06 -10.51 -2.76
N GLN B 121 -0.21 -10.84 -2.99
CA GLN B 121 -0.61 -12.08 -3.71
C GLN B 121 -0.19 -11.97 -5.18
N ALA B 122 -0.33 -10.79 -5.78
CA ALA B 122 0.04 -10.54 -7.19
C ALA B 122 1.55 -10.70 -7.34
N THR B 123 2.34 -10.19 -6.40
CA THR B 123 3.82 -10.32 -6.42
C THR B 123 4.18 -11.82 -6.35
N ALA B 124 3.56 -12.58 -5.44
CA ALA B 124 3.82 -14.03 -5.27
C ALA B 124 3.52 -14.77 -6.59
N SER B 125 2.39 -14.44 -7.22
CA SER B 125 1.94 -14.99 -8.52
C SER B 125 3.01 -14.70 -9.59
N MET B 126 3.44 -13.45 -9.73
CA MET B 126 4.47 -13.03 -10.70
C MET B 126 5.78 -13.81 -10.45
N LYS B 127 6.18 -13.98 -9.18
CA LYS B 127 7.46 -14.64 -8.82
C LYS B 127 7.38 -16.14 -9.10
N ASP B 128 6.17 -16.69 -9.21
CA ASP B 128 5.93 -18.10 -9.59
C ASP B 128 5.81 -18.23 -11.12
N GLY B 129 6.08 -17.15 -11.87
CA GLY B 129 6.11 -17.16 -13.34
C GLY B 129 4.72 -17.06 -13.97
N LYS B 130 3.71 -16.71 -13.16
CA LYS B 130 2.29 -16.62 -13.60
C LYS B 130 1.93 -15.17 -13.96
N TRP B 131 0.92 -15.02 -14.82
CA TRP B 131 0.35 -13.74 -15.30
C TRP B 131 -1.17 -13.81 -15.16
N GLU B 132 -1.67 -13.47 -13.97
CA GLU B 132 -3.06 -13.79 -13.51
C GLU B 132 -3.89 -12.51 -13.40
N ARG B 133 -4.20 -11.90 -14.54
CA ARG B 133 -4.90 -10.59 -14.58
C ARG B 133 -6.30 -10.72 -13.98
N LYS B 134 -7.08 -11.76 -14.30
CA LYS B 134 -8.50 -11.88 -13.85
C LYS B 134 -8.55 -12.13 -12.34
N LYS B 135 -7.72 -13.02 -11.81
CA LYS B 135 -7.69 -13.39 -10.38
C LYS B 135 -7.59 -12.14 -9.50
N PHE B 136 -6.86 -11.12 -9.96
CA PHE B 136 -6.45 -9.97 -9.09
C PHE B 136 -7.21 -8.70 -9.47
N MET B 137 -8.39 -8.82 -10.09
CA MET B 137 -9.36 -7.69 -10.23
C MET B 137 -9.64 -7.14 -8.82
N GLY B 138 -9.42 -5.84 -8.62
CA GLY B 138 -9.43 -5.22 -7.29
C GLY B 138 -10.56 -4.20 -7.14
N THR B 139 -10.47 -3.37 -6.09
N THR B 139 -10.44 -3.34 -6.13
CA THR B 139 -11.48 -2.35 -5.72
CA THR B 139 -11.48 -2.36 -5.72
C THR B 139 -10.81 -0.99 -5.60
C THR B 139 -10.81 -0.99 -5.60
N GLU B 140 -11.52 0.05 -6.04
CA GLU B 140 -11.09 1.46 -5.92
C GLU B 140 -11.46 1.94 -4.52
N LEU B 141 -10.54 2.61 -3.81
CA LEU B 141 -10.79 3.15 -2.44
C LEU B 141 -11.67 4.40 -2.49
N ASN B 142 -11.57 5.20 -3.55
CA ASN B 142 -12.33 6.47 -3.66
C ASN B 142 -13.82 6.16 -3.43
N GLY B 143 -14.46 6.87 -2.51
CA GLY B 143 -15.91 6.76 -2.24
C GLY B 143 -16.26 5.63 -1.29
N LYS B 144 -15.29 4.81 -0.86
CA LYS B 144 -15.56 3.70 0.09
C LYS B 144 -15.54 4.23 1.52
N THR B 145 -16.16 3.50 2.42
CA THR B 145 -16.25 3.85 3.86
C THR B 145 -15.22 3.04 4.64
N LEU B 146 -14.38 3.74 5.40
CA LEU B 146 -13.41 3.16 6.34
C LEU B 146 -13.94 3.39 7.76
N GLY B 147 -14.15 2.31 8.51
CA GLY B 147 -14.46 2.36 9.94
C GLY B 147 -13.18 2.27 10.76
N ILE B 148 -12.97 3.24 11.66
CA ILE B 148 -11.74 3.32 12.49
C ILE B 148 -12.16 3.16 13.95
N LEU B 149 -11.79 2.04 14.57
CA LEU B 149 -12.11 1.75 15.98
C LEU B 149 -10.87 2.09 16.81
N GLY B 150 -10.96 3.18 17.58
CA GLY B 150 -9.82 3.77 18.31
C GLY B 150 -9.33 4.99 17.55
N LEU B 151 -9.58 6.17 18.10
CA LEU B 151 -9.30 7.47 17.45
C LEU B 151 -8.29 8.22 18.32
N GLY B 152 -7.30 7.49 18.83
CA GLY B 152 -6.14 8.05 19.55
C GLY B 152 -5.05 8.43 18.56
N ARG B 153 -3.79 8.22 18.95
CA ARG B 153 -2.60 8.66 18.20
C ARG B 153 -2.64 8.10 16.76
N ILE B 154 -2.84 6.79 16.62
CA ILE B 154 -2.70 6.12 15.29
C ILE B 154 -4.00 6.29 14.49
N GLY B 155 -5.16 6.09 15.13
CA GLY B 155 -6.46 6.17 14.44
C GLY B 155 -6.62 7.47 13.67
N ARG B 156 -6.26 8.61 14.28
CA ARG B 156 -6.47 9.93 13.65
C ARG B 156 -5.51 10.11 12.47
N GLU B 157 -4.30 9.53 12.53
CA GLU B 157 -3.30 9.64 11.44
C GLU B 157 -3.75 8.77 10.25
N VAL B 158 -4.30 7.60 10.52
CA VAL B 158 -4.90 6.74 9.46
C VAL B 158 -6.03 7.51 8.78
N ALA B 159 -6.88 8.19 9.56
CA ALA B 159 -8.08 8.90 9.04
C ALA B 159 -7.65 9.94 8.00
N THR B 160 -6.74 10.85 8.34
CA THR B 160 -6.36 11.98 7.44
C THR B 160 -5.68 11.45 6.18
N ARG B 161 -4.84 10.41 6.29
CA ARG B 161 -4.20 9.82 5.09
C ARG B 161 -5.28 9.20 4.19
N MET B 162 -6.20 8.41 4.74
CA MET B 162 -7.17 7.69 3.87
C MET B 162 -8.25 8.66 3.36
N GLN B 163 -8.47 9.80 4.02
CA GLN B 163 -9.32 10.90 3.50
C GLN B 163 -8.76 11.40 2.15
N SER B 164 -7.44 11.40 1.97
CA SER B 164 -6.78 11.91 0.73
C SER B 164 -7.12 10.98 -0.45
N PHE B 165 -7.53 9.74 -0.17
CA PHE B 165 -7.95 8.75 -1.19
C PHE B 165 -9.45 8.88 -1.46
N GLY B 166 -10.13 9.83 -0.82
CA GLY B 166 -11.59 10.02 -0.97
C GLY B 166 -12.39 8.98 -0.19
N MET B 167 -11.80 8.36 0.84
CA MET B 167 -12.56 7.46 1.73
C MET B 167 -13.38 8.29 2.71
N LYS B 168 -14.61 7.88 2.96
CA LYS B 168 -15.45 8.37 4.09
C LYS B 168 -14.93 7.70 5.36
N THR B 169 -14.53 8.49 6.36
CA THR B 169 -13.96 7.95 7.62
C THR B 169 -14.98 8.13 8.74
N ILE B 170 -15.46 7.01 9.26
CA ILE B 170 -16.36 6.95 10.46
C ILE B 170 -15.62 6.16 11.53
N GLY B 171 -16.08 6.24 12.77
CA GLY B 171 -15.34 5.55 13.83
C GLY B 171 -16.00 5.62 15.18
N TYR B 172 -15.35 5.02 16.15
CA TYR B 172 -15.84 4.89 17.53
C TYR B 172 -14.64 4.97 18.47
N ASP B 173 -14.79 5.78 19.51
CA ASP B 173 -13.82 5.85 20.64
C ASP B 173 -14.61 6.25 21.87
N PRO B 174 -14.59 5.45 22.95
CA PRO B 174 -15.40 5.77 24.14
C PRO B 174 -14.95 7.04 24.89
N ILE B 175 -13.72 7.53 24.66
CA ILE B 175 -13.13 8.65 25.45
C ILE B 175 -12.97 9.91 24.57
N ILE B 176 -12.85 9.78 23.26
CA ILE B 176 -12.61 10.94 22.34
C ILE B 176 -13.96 11.57 22.00
N SER B 177 -14.08 12.87 22.24
CA SER B 177 -15.32 13.65 22.01
C SER B 177 -15.61 13.68 20.51
N PRO B 178 -16.90 13.68 20.11
CA PRO B 178 -17.26 13.89 18.71
C PRO B 178 -16.70 15.19 18.10
N GLU B 179 -16.50 16.22 18.94
CA GLU B 179 -15.90 17.52 18.52
C GLU B 179 -14.43 17.29 18.15
N VAL B 180 -13.68 16.53 18.94
CA VAL B 180 -12.25 16.24 18.65
C VAL B 180 -12.17 15.39 17.38
N SER B 181 -12.97 14.34 17.25
CA SER B 181 -12.92 13.45 16.06
C SER B 181 -13.31 14.25 14.80
N ALA B 182 -14.29 15.13 14.89
CA ALA B 182 -14.73 16.01 13.78
C ALA B 182 -13.55 16.84 13.26
N SER B 183 -12.64 17.26 14.15
CA SER B 183 -11.48 18.13 13.81
C SER B 183 -10.49 17.38 12.90
N PHE B 184 -10.52 16.05 12.87
CA PHE B 184 -9.73 15.23 11.91
C PHE B 184 -10.66 14.41 11.01
N GLY B 185 -11.89 14.89 10.79
CA GLY B 185 -12.79 14.40 9.72
C GLY B 185 -13.38 13.02 9.99
N VAL B 186 -13.45 12.60 11.24
CA VAL B 186 -14.06 11.29 11.62
C VAL B 186 -15.39 11.53 12.33
N GLN B 187 -16.47 11.05 11.71
CA GLN B 187 -17.84 11.04 12.28
C GLN B 187 -17.93 9.85 13.24
N GLN B 188 -18.13 10.13 14.52
CA GLN B 188 -18.35 9.07 15.55
C GLN B 188 -19.80 8.59 15.52
N LEU B 189 -19.96 7.27 15.52
CA LEU B 189 -21.27 6.56 15.58
C LEU B 189 -21.15 5.42 16.59
N PRO B 190 -22.28 4.96 17.16
CA PRO B 190 -22.29 3.71 17.92
C PRO B 190 -21.83 2.54 17.05
N LEU B 191 -21.17 1.55 17.63
CA LEU B 191 -20.61 0.37 16.90
C LEU B 191 -21.70 -0.23 16.01
N GLU B 192 -22.94 -0.34 16.50
CA GLU B 192 -24.07 -1.00 15.80
C GLU B 192 -24.37 -0.26 14.49
N GLU B 193 -24.10 1.05 14.42
CA GLU B 193 -24.35 1.88 13.21
C GLU B 193 -23.15 1.81 12.26
N ILE B 194 -21.95 1.53 12.79
CA ILE B 194 -20.68 1.47 12.01
C ILE B 194 -20.68 0.21 11.12
N TRP B 195 -20.98 -0.96 11.68
CA TRP B 195 -20.74 -2.26 10.99
C TRP B 195 -21.36 -2.25 9.58
N PRO B 196 -22.67 -1.95 9.42
CA PRO B 196 -23.30 -2.07 8.09
C PRO B 196 -22.77 -1.09 7.02
N LEU B 197 -22.08 -0.02 7.43
CA LEU B 197 -21.63 1.06 6.52
C LEU B 197 -20.24 0.75 5.93
N CYS B 198 -19.45 -0.11 6.59
CA CYS B 198 -17.98 -0.20 6.32
C CYS B 198 -17.66 -1.10 5.13
N ASP B 199 -16.83 -0.58 4.23
CA ASP B 199 -16.12 -1.38 3.18
C ASP B 199 -14.83 -1.92 3.80
N PHE B 200 -14.21 -1.12 4.66
CA PHE B 200 -12.95 -1.44 5.36
C PHE B 200 -13.12 -1.12 6.84
N ILE B 201 -12.55 -1.97 7.69
CA ILE B 201 -12.50 -1.72 9.16
C ILE B 201 -11.06 -1.87 9.62
N THR B 202 -10.57 -0.91 10.39
CA THR B 202 -9.22 -0.95 10.99
C THR B 202 -9.33 -0.69 12.49
N VAL B 203 -8.53 -1.40 13.29
CA VAL B 203 -8.60 -1.32 14.78
C VAL B 203 -7.30 -0.70 15.30
N HIS B 204 -7.44 0.27 16.21
CA HIS B 204 -6.34 1.08 16.79
C HIS B 204 -6.63 1.33 18.27
N THR B 205 -6.98 0.27 18.99
CA THR B 205 -7.31 0.30 20.44
C THR B 205 -6.21 -0.44 21.21
N PRO B 206 -6.12 -0.22 22.53
CA PRO B 206 -5.36 -1.13 23.39
C PRO B 206 -6.05 -2.49 23.39
N LEU B 207 -5.35 -3.52 23.88
CA LEU B 207 -5.97 -4.83 24.20
C LEU B 207 -6.53 -4.76 25.62
N LEU B 208 -7.86 -4.76 25.74
CA LEU B 208 -8.61 -4.73 27.01
C LEU B 208 -9.70 -5.78 26.93
N PRO B 209 -10.36 -6.16 28.05
CA PRO B 209 -11.56 -7.00 27.98
C PRO B 209 -12.57 -6.47 26.95
N SER B 210 -12.78 -5.15 26.92
CA SER B 210 -13.76 -4.48 26.03
C SER B 210 -13.34 -4.62 24.56
N THR B 211 -12.06 -4.82 24.25
CA THR B 211 -11.54 -4.87 22.86
C THR B 211 -11.12 -6.29 22.46
N THR B 212 -11.17 -7.26 23.39
CA THR B 212 -10.84 -8.66 23.07
C THR B 212 -12.01 -9.24 22.27
N GLY B 213 -11.79 -9.52 20.98
CA GLY B 213 -12.86 -9.90 20.04
C GLY B 213 -13.81 -8.75 19.78
N LEU B 214 -13.28 -7.51 19.71
CA LEU B 214 -14.04 -6.30 19.29
C LEU B 214 -14.71 -6.60 17.94
N LEU B 215 -14.00 -7.30 17.05
CA LEU B 215 -14.58 -7.98 15.85
C LEU B 215 -14.72 -9.47 16.17
N ASN B 216 -15.93 -9.99 16.01
CA ASN B 216 -16.29 -11.39 16.37
C ASN B 216 -17.44 -11.81 15.46
N ASP B 217 -18.03 -12.99 15.71
CA ASP B 217 -19.14 -13.52 14.88
C ASP B 217 -20.31 -12.53 14.89
N ASN B 218 -20.66 -11.95 16.04
CA ASN B 218 -21.78 -10.97 16.19
C ASN B 218 -21.51 -9.74 15.32
N THR B 219 -20.27 -9.23 15.30
CA THR B 219 -19.94 -7.99 14.55
C THR B 219 -19.89 -8.31 13.04
N PHE B 220 -19.30 -9.42 12.62
CA PHE B 220 -19.21 -9.81 11.19
C PHE B 220 -20.62 -10.01 10.61
N ALA B 221 -21.57 -10.48 11.42
CA ALA B 221 -22.98 -10.69 11.02
C ALA B 221 -23.63 -9.36 10.63
N GLN B 222 -23.16 -8.26 11.21
CA GLN B 222 -23.72 -6.89 11.00
C GLN B 222 -23.00 -6.18 9.85
N CYS B 223 -21.88 -6.73 9.38
CA CYS B 223 -21.01 -6.11 8.34
C CYS B 223 -21.60 -6.32 6.95
N LYS B 224 -21.22 -5.44 6.03
CA LYS B 224 -21.39 -5.64 4.57
C LYS B 224 -20.70 -6.94 4.15
N LYS B 225 -21.34 -7.75 3.32
CA LYS B 225 -20.67 -8.90 2.66
C LYS B 225 -19.47 -8.39 1.88
N GLY B 226 -18.30 -8.98 2.11
CA GLY B 226 -17.04 -8.62 1.42
C GLY B 226 -16.29 -7.51 2.14
N VAL B 227 -16.59 -7.24 3.41
CA VAL B 227 -15.84 -6.27 4.25
C VAL B 227 -14.37 -6.72 4.28
N ARG B 228 -13.45 -5.76 4.31
CA ARG B 228 -11.99 -6.01 4.44
C ARG B 228 -11.53 -5.47 5.79
N VAL B 229 -10.69 -6.20 6.50
CA VAL B 229 -10.36 -5.86 7.91
CA VAL B 229 -10.35 -5.94 7.92
C VAL B 229 -8.84 -5.80 8.08
N VAL B 230 -8.39 -4.81 8.85
CA VAL B 230 -6.96 -4.60 9.17
C VAL B 230 -6.79 -4.66 10.70
N ASN B 231 -5.83 -5.44 11.16
CA ASN B 231 -5.37 -5.38 12.56
C ASN B 231 -3.86 -5.16 12.60
N CYS B 232 -3.45 -3.90 12.74
N CYS B 232 -3.46 -3.90 12.77
CA CYS B 232 -2.06 -3.46 13.05
CA CYS B 232 -2.08 -3.44 13.03
C CYS B 232 -1.99 -2.91 14.48
C CYS B 232 -1.97 -2.92 14.48
N ALA B 233 -2.85 -3.39 15.38
CA ALA B 233 -2.91 -2.92 16.78
C ALA B 233 -2.32 -4.00 17.69
N ARG B 234 -3.14 -4.95 18.13
CA ARG B 234 -2.69 -6.05 19.03
C ARG B 234 -3.49 -7.32 18.68
N GLY B 235 -2.82 -8.46 18.74
CA GLY B 235 -3.45 -9.76 18.49
C GLY B 235 -4.59 -9.99 19.46
N GLY B 236 -5.73 -10.44 18.95
CA GLY B 236 -6.91 -10.79 19.76
C GLY B 236 -8.01 -9.75 19.66
N ILE B 237 -7.70 -8.54 19.20
CA ILE B 237 -8.74 -7.48 19.05
C ILE B 237 -9.74 -7.96 17.99
N VAL B 238 -9.23 -8.55 16.92
CA VAL B 238 -10.06 -9.31 15.94
C VAL B 238 -10.03 -10.77 16.39
N ASP B 239 -11.19 -11.35 16.69
CA ASP B 239 -11.28 -12.78 17.06
C ASP B 239 -10.82 -13.61 15.86
N GLU B 240 -9.73 -14.36 16.01
CA GLU B 240 -9.05 -15.06 14.89
C GLU B 240 -9.95 -16.19 14.37
N GLY B 241 -10.68 -16.88 15.25
CA GLY B 241 -11.68 -17.89 14.88
C GLY B 241 -12.80 -17.28 14.05
N ALA B 242 -13.36 -16.14 14.49
CA ALA B 242 -14.47 -15.44 13.80
C ALA B 242 -13.97 -14.91 12.45
N LEU B 243 -12.75 -14.38 12.40
CA LEU B 243 -12.16 -13.86 11.13
C LEU B 243 -12.04 -15.01 10.12
N LEU B 244 -11.51 -16.17 10.53
CA LEU B 244 -11.35 -17.32 9.60
C LEU B 244 -12.74 -17.73 9.08
N ARG B 245 -13.75 -17.82 9.94
CA ARG B 245 -15.14 -18.18 9.53
C ARG B 245 -15.66 -17.17 8.51
N ALA B 246 -15.41 -15.87 8.72
CA ALA B 246 -15.86 -14.80 7.80
C ALA B 246 -15.11 -14.90 6.45
N LEU B 247 -13.81 -15.24 6.48
CA LEU B 247 -13.01 -15.43 5.23
C LEU B 247 -13.53 -16.66 4.48
N GLN B 248 -13.92 -17.70 5.22
CA GLN B 248 -14.38 -18.99 4.62
C GLN B 248 -15.73 -18.78 3.92
N SER B 249 -16.62 -17.96 4.48
CA SER B 249 -17.97 -17.68 3.93
C SER B 249 -17.89 -16.62 2.82
N GLY B 250 -16.85 -15.78 2.83
CA GLY B 250 -16.76 -14.59 1.98
C GLY B 250 -17.44 -13.38 2.62
N GLN B 251 -17.95 -13.50 3.84
CA GLN B 251 -18.49 -12.34 4.61
C GLN B 251 -17.37 -11.31 4.73
N CYS B 252 -16.14 -11.79 4.92
CA CYS B 252 -14.89 -10.98 4.87
C CYS B 252 -14.14 -11.34 3.58
N ALA B 253 -13.88 -10.36 2.71
CA ALA B 253 -13.21 -10.55 1.40
C ALA B 253 -11.70 -10.63 1.59
N GLY B 254 -11.17 -10.15 2.72
CA GLY B 254 -9.72 -10.16 2.98
C GLY B 254 -9.37 -9.49 4.28
N ALA B 255 -8.23 -9.87 4.83
CA ALA B 255 -7.73 -9.35 6.12
C ALA B 255 -6.22 -9.14 6.02
N ALA B 256 -5.74 -8.09 6.70
CA ALA B 256 -4.32 -7.76 6.81
C ALA B 256 -3.97 -7.76 8.30
N LEU B 257 -3.05 -8.62 8.70
CA LEU B 257 -2.71 -8.85 10.13
C LEU B 257 -1.21 -8.61 10.32
N ASP B 258 -0.87 -7.63 11.15
CA ASP B 258 0.51 -7.37 11.62
C ASP B 258 0.74 -8.12 12.95
N VAL B 259 -0.34 -8.54 13.61
CA VAL B 259 -0.31 -8.99 15.02
C VAL B 259 -1.25 -10.19 15.19
N PHE B 260 -0.92 -11.07 16.14
CA PHE B 260 -1.58 -12.38 16.37
C PHE B 260 -1.67 -12.60 17.88
N THR B 261 -2.64 -13.42 18.31
CA THR B 261 -2.87 -13.74 19.75
C THR B 261 -1.61 -14.43 20.29
N GLU B 262 -0.93 -15.19 19.43
CA GLU B 262 0.38 -15.83 19.71
C GLU B 262 1.36 -15.39 18.62
N GLU B 263 2.56 -14.94 18.99
CA GLU B 263 3.58 -14.45 18.03
C GLU B 263 4.89 -15.21 18.25
N PRO B 264 5.38 -16.01 17.28
CA PRO B 264 4.70 -16.23 16.00
C PRO B 264 3.47 -17.12 16.19
N PRO B 265 2.44 -17.01 15.32
CA PRO B 265 1.26 -17.85 15.45
C PRO B 265 1.58 -19.32 15.15
N ARG B 266 1.11 -20.24 15.99
CA ARG B 266 1.29 -21.71 15.81
C ARG B 266 0.15 -22.24 14.93
N ASP B 267 -1.05 -21.67 15.06
CA ASP B 267 -2.20 -21.93 14.14
C ASP B 267 -1.95 -21.11 12.86
N ARG B 268 -1.83 -21.78 11.72
CA ARG B 268 -1.40 -21.14 10.44
C ARG B 268 -2.59 -20.94 9.49
N ALA B 269 -3.82 -21.24 9.94
CA ALA B 269 -5.05 -21.20 9.10
C ALA B 269 -5.24 -19.80 8.51
N LEU B 270 -5.09 -18.74 9.32
CA LEU B 270 -5.27 -17.34 8.84
C LEU B 270 -4.10 -16.99 7.90
N VAL B 271 -2.86 -17.17 8.34
CA VAL B 271 -1.65 -16.79 7.56
C VAL B 271 -1.70 -17.45 6.18
N ASP B 272 -2.13 -18.72 6.13
CA ASP B 272 -2.11 -19.55 4.89
C ASP B 272 -3.30 -19.18 3.98
N HIS B 273 -4.32 -18.46 4.47
CA HIS B 273 -5.53 -18.13 3.67
C HIS B 273 -5.13 -17.21 2.52
N GLU B 274 -5.64 -17.50 1.31
CA GLU B 274 -5.25 -16.78 0.07
C GLU B 274 -5.60 -15.29 0.20
N ASN B 275 -6.62 -14.94 1.00
CA ASN B 275 -7.13 -13.54 1.12
C ASN B 275 -6.55 -12.86 2.36
N VAL B 276 -5.57 -13.47 3.02
CA VAL B 276 -4.90 -12.86 4.20
C VAL B 276 -3.49 -12.42 3.81
N ILE B 277 -3.20 -11.14 4.11
N ILE B 277 -3.18 -11.15 4.05
CA ILE B 277 -1.87 -10.49 4.01
CA ILE B 277 -1.79 -10.62 3.97
C ILE B 277 -1.35 -10.39 5.44
C ILE B 277 -1.33 -10.39 5.40
N SER B 278 -0.04 -10.56 5.65
CA SER B 278 0.52 -10.56 7.02
C SER B 278 1.96 -10.06 7.03
N CYS B 279 2.36 -9.60 8.21
CA CYS B 279 3.72 -9.10 8.53
C CYS B 279 4.05 -9.65 9.92
N PRO B 280 5.32 -9.93 10.22
CA PRO B 280 5.71 -10.34 11.56
C PRO B 280 5.85 -9.14 12.50
N HIS B 281 4.72 -8.49 12.80
CA HIS B 281 4.63 -7.37 13.78
C HIS B 281 5.64 -6.28 13.40
N LEU B 282 5.50 -5.71 12.21
CA LEU B 282 6.42 -4.71 11.62
C LEU B 282 5.90 -3.28 11.81
N GLY B 283 4.78 -3.08 12.53
CA GLY B 283 4.15 -1.76 12.70
C GLY B 283 5.12 -0.69 13.17
N ALA B 284 6.09 -1.03 14.02
CA ALA B 284 7.07 -0.07 14.58
C ALA B 284 8.44 -0.25 13.93
N SER B 285 8.55 -1.10 12.91
CA SER B 285 9.84 -1.53 12.33
C SER B 285 10.26 -0.58 11.20
N THR B 286 10.55 0.67 11.54
CA THR B 286 11.24 1.63 10.65
C THR B 286 12.46 2.20 11.38
N LYS B 287 13.48 2.59 10.62
CA LYS B 287 14.68 3.26 11.16
C LYS B 287 14.22 4.49 11.96
N GLU B 288 13.24 5.24 11.45
CA GLU B 288 12.81 6.54 12.04
C GLU B 288 12.10 6.27 13.38
N ALA B 289 11.19 5.31 13.44
CA ALA B 289 10.43 4.98 14.68
C ALA B 289 11.41 4.45 15.73
N GLN B 290 12.31 3.54 15.35
CA GLN B 290 13.29 2.92 16.29
C GLN B 290 14.18 4.01 16.88
N SER B 291 14.61 4.96 16.05
CA SER B 291 15.41 6.15 16.46
C SER B 291 14.59 7.00 17.44
N ARG B 292 13.34 7.34 17.12
CA ARG B 292 12.51 8.24 17.95
C ARG B 292 12.21 7.58 19.31
N CYS B 293 11.90 6.28 19.32
CA CYS B 293 11.58 5.52 20.57
C CYS B 293 12.84 5.43 21.45
N GLY B 294 14.00 5.18 20.83
CA GLY B 294 15.30 5.12 21.51
C GLY B 294 15.57 6.41 22.25
N GLU B 295 15.30 7.55 21.59
CA GLU B 295 15.44 8.92 22.14
C GLU B 295 14.39 9.13 23.24
N GLU B 296 13.12 8.81 22.95
CA GLU B 296 11.96 9.05 23.87
C GLU B 296 12.22 8.39 25.22
N ILE B 297 12.67 7.12 25.21
CA ILE B 297 12.92 6.34 26.47
C ILE B 297 14.17 6.88 27.18
N ALA B 298 15.20 7.26 26.43
CA ALA B 298 16.47 7.81 26.98
C ALA B 298 16.18 9.12 27.72
N VAL B 299 15.35 9.99 27.15
CA VAL B 299 14.95 11.30 27.75
C VAL B 299 14.22 11.04 29.08
N GLN B 300 13.32 10.05 29.11
CA GLN B 300 12.56 9.66 30.33
C GLN B 300 13.54 9.23 31.44
N PHE B 301 14.58 8.45 31.09
CA PHE B 301 15.64 7.99 32.03
C PHE B 301 16.40 9.20 32.59
N VAL B 302 16.77 10.15 31.72
CA VAL B 302 17.53 11.39 32.11
C VAL B 302 16.64 12.25 33.02
N ASP B 303 15.34 12.37 32.70
CA ASP B 303 14.36 13.13 33.52
C ASP B 303 14.31 12.54 34.94
N MET B 304 14.33 11.20 35.04
CA MET B 304 14.36 10.46 36.34
C MET B 304 15.63 10.84 37.12
N VAL B 305 16.79 10.92 36.45
CA VAL B 305 18.10 11.34 37.04
C VAL B 305 17.94 12.74 37.67
N LYS B 306 17.30 13.67 36.96
CA LYS B 306 17.10 15.08 37.42
C LYS B 306 16.21 15.09 38.67
N LEU B 307 15.23 14.18 38.76
CA LEU B 307 14.35 14.05 39.96
C LEU B 307 15.15 13.48 41.13
N GLU B 308 16.12 12.59 40.85
CA GLU B 308 16.92 11.85 41.84
C GLU B 308 18.33 12.45 41.91
O3 ODN C . -27.52 3.98 -17.96
C17 ODN C . -26.60 4.42 -17.29
C10 ODN C . -26.47 5.85 -16.82
C18 ODN C . -26.57 6.96 -17.86
O4 ODN C . -25.74 6.64 -18.98
O1 ODN C . -26.10 8.16 -17.22
C8 ODN C . -26.75 8.44 -15.97
C19 ODN C . -28.02 7.18 -18.32
O5 ODN C . -28.62 5.97 -18.79
C6 ODN C . -28.85 7.70 -17.15
C3 ODN C . -29.46 9.10 -17.41
C5 ODN C . -30.76 8.92 -18.17
C4 ODN C . -28.57 10.07 -18.21
C2 ODN C . -29.79 9.77 -16.09
C1 ODN C . -30.08 8.77 -14.96
C13 ODN C . -25.49 3.57 -16.78
C14 ODN C . -25.86 2.11 -16.46
C12 ODN C . -25.05 4.43 -15.59
C11 ODN C . -25.07 5.81 -16.20
O2 ODN C . -24.04 5.97 -17.19
C15 ODN C . -26.02 4.43 -14.41
C16 ODN C . -27.00 5.61 -14.39
C9 ODN C . -27.53 6.09 -15.75
C7 ODN C . -28.01 7.56 -15.86
C ODN C . -28.87 7.90 -14.63
O ODN C . -28.06 8.55 -13.64
PA NAD D . -1.60 12.16 -19.20
O1A NAD D . -1.53 12.29 -20.67
O2A NAD D . -2.78 12.74 -18.50
O5B NAD D . -0.27 12.71 -18.52
C5B NAD D . 1.02 12.34 -19.05
C4B NAD D . 1.96 13.49 -18.81
O4B NAD D . 3.31 13.06 -19.11
C3B NAD D . 1.69 14.74 -19.67
O3B NAD D . 1.35 15.85 -18.85
C2B NAD D . 2.98 14.90 -20.47
O2B NAD D . 3.34 16.25 -20.72
C1B NAD D . 3.98 14.21 -19.55
N9A NAD D . 5.26 13.87 -20.18
C8A NAD D . 5.53 13.66 -21.51
N7A NAD D . 6.81 13.48 -21.76
C5A NAD D . 7.41 13.61 -20.51
C6A NAD D . 8.76 13.55 -20.10
N6A NAD D . 9.79 13.36 -20.93
N1A NAD D . 9.02 13.74 -18.78
C2A NAD D . 7.99 13.94 -17.95
N3A NAD D . 6.69 14.03 -18.23
C4A NAD D . 6.47 13.85 -19.54
O3 NAD D . -1.48 10.60 -18.86
PN NAD D . -2.05 9.77 -17.62
O1N NAD D . -3.51 9.54 -17.83
O2N NAD D . -1.60 10.44 -16.36
O5D NAD D . -1.27 8.39 -17.80
C5D NAD D . 0.15 8.31 -17.51
C4D NAD D . 0.68 6.98 -17.96
O4D NAD D . 0.04 5.92 -17.20
C3D NAD D . 0.44 6.61 -19.43
O3D NAD D . 1.58 5.94 -19.96
C2D NAD D . -0.75 5.67 -19.35
O2D NAD D . -0.87 4.82 -20.48
C1D NAD D . -0.38 4.90 -18.09
N1N NAD D . -1.49 4.14 -17.46
C2N NAD D . -1.24 2.87 -17.01
C3N NAD D . -2.26 2.12 -16.43
C7N NAD D . -1.94 0.76 -15.88
O7N NAD D . -2.80 -0.10 -15.94
N7N NAD D . -0.73 0.58 -15.35
C4N NAD D . -3.55 2.64 -16.40
C5N NAD D . -3.76 3.96 -16.72
C6N NAD D . -2.73 4.69 -17.29
CL CL E . -6.21 18.85 2.56
CL CL F . 6.80 24.79 -18.99
PA NAD G . -3.78 5.56 22.00
O1A NAD G . -3.81 5.26 23.45
O2A NAD G . -3.22 6.85 21.54
O5B NAD G . -5.25 5.39 21.38
C5B NAD G . -6.05 4.22 21.68
C4B NAD G . -7.49 4.63 21.69
O4B NAD G . -8.35 3.46 21.80
C3B NAD G . -7.91 5.57 22.84
O3B NAD G . -8.39 6.81 22.34
C2B NAD G . -9.00 4.76 23.58
O2B NAD G . -10.01 5.58 24.13
C1B NAD G . -9.52 3.90 22.45
N9A NAD G . -10.34 2.76 22.86
C8A NAD G . -10.29 2.07 24.04
N7A NAD G . -11.21 1.14 24.14
C5A NAD G . -11.90 1.22 22.95
C6A NAD G . -12.99 0.50 22.43
N6A NAD G . -13.61 -0.47 23.10
N1A NAD G . -13.46 0.84 21.21
C2A NAD G . -12.84 1.83 20.55
N3A NAD G . -11.81 2.59 20.92
C4A NAD G . -11.38 2.23 22.15
O3 NAD G . -2.99 4.37 21.27
PN NAD G . -2.21 4.31 19.88
O1N NAD G . -0.84 4.84 20.07
O2N NAD G . -3.10 4.89 18.84
O5D NAD G . -2.10 2.73 19.67
C5D NAD G . -3.26 1.97 19.23
C4D NAD G . -2.92 0.51 19.27
O4D NAD G . -1.87 0.24 18.31
C3D NAD G . -2.41 -0.04 20.60
O3D NAD G . -2.90 -1.35 20.83
C2D NAD G . -0.90 -0.04 20.38
O2D NAD G . -0.19 -0.91 21.26
C1D NAD G . -0.87 -0.55 18.94
N1N NAD G . 0.43 -0.35 18.23
C2N NAD G . 0.92 -1.35 17.45
C3N NAD G . 2.14 -1.21 16.79
C7N NAD G . 2.63 -2.30 15.88
O7N NAD G . 3.84 -2.52 15.80
N7N NAD G . 1.71 -2.98 15.19
C4N NAD G . 2.89 -0.05 17.01
C5N NAD G . 2.31 1.01 17.67
C6N NAD G . 1.11 0.83 18.31
NA NA H . 10.16 1.49 17.12
OH2 1PE I . -0.93 -19.69 -4.54
C12 1PE I . -1.11 -20.75 -5.47
C22 1PE I . -2.55 -20.82 -5.92
OH3 1PE I . -2.76 -22.11 -6.52
C13 1PE I . -3.80 -24.29 -6.46
C23 1PE I . -3.73 -22.90 -5.84
OH4 1PE I . -3.67 -25.29 -5.44
C14 1PE I . -2.15 -26.65 -4.12
C24 1PE I . -2.30 -25.57 -5.17
OH5 1PE I . -1.62 -26.05 -2.92
C15 1PE I . -0.46 -26.46 -0.87
C25 1PE I . -0.46 -26.65 -2.39
OH6 1PE I . 0.67 -25.68 -0.51
C16 1PE I . 2.50 -26.43 0.94
C26 1PE I . 1.08 -25.85 0.86
OH7 1PE I . 3.45 -25.36 0.87
#